data_9QPC
#
_entry.id   9QPC
#
_cell.length_a   1.00
_cell.length_b   1.00
_cell.length_c   1.00
_cell.angle_alpha   90.00
_cell.angle_beta   90.00
_cell.angle_gamma   90.00
#
_symmetry.space_group_name_H-M   'P 1'
#
loop_
_entity.id
_entity.type
_entity.pdbx_description
1 polymer 'DNA polymerase III PolC-type'
2 polymer "DNA (5'-D(P*TP*AP*A)-3')"
3 polymer "DNA (5'-D(P*TP*AP*GP*GP*TP*GP*CP*GP*CP*AP*T)-3')"
4 polymer "DNA (5'-D(P*CP*CP*AP*TP*GP*CP*GP*CP*AP*CP*CP*TP*A)-3')"
5 non-polymer 5-[[2,2-bis(fluoranyl)-1,3-benzodioxol-5-yl]methylamino]-3-fluoranyl-1-(2-hydroxyethyl)-6~{H}-pyrazolo[4,3-d]pyrimidin-7-one
6 non-polymer 'ZINC ION'
7 non-polymer 'MAGNESIUM ION'
8 water water
#
loop_
_entity_poly.entity_id
_entity_poly.type
_entity_poly.pdbx_seq_one_letter_code
_entity_poly.pdbx_strand_id
1 'polypeptide(L)'
;MGSSHHHHHHSSGLVPRGSHMHMSEKRDLFEKLLEQIQLEEAEKNHPLLTAGEMDSVVVHRKSRLWEFTLHFSKILPIML
YRSLTQHLTIAFKDIAQVKLNILADDQTFDEQLLQDYWAQALENQQCDTPLAQQVLKTQVPVIKDRKVILPIDSTGAISY
LKQQYLPLVEELFVSYGFPKFRIEPEVDEQQAERVLKLFEERKQEQAEAFMKQAAESLVVHEQKKKERKEQSPALEGPIH
IQLGRNIPADEPTTPMISIVEEERRVTLEGYVFDKEVRELRSKRKILTLKITDYTSSFIVKKFSNGEKDEQVFDAISVGS
WLKVRGSIQEDTFVRDLVMNAQDIIEVKHTPRKDYAPEGEKRVELHVHSNMSTMDATNSISDLVAQAGKWGHRAIAITDH
GGAQAFPEAHSAGKKAGVKILYGVEANVVDDGVPIAYNDAHEALSEATYVVFAVATTGLSAVYDTIIELAAVKMYKGNVI
ESFDEFIDPGHPLSRTTVDLTGITDGMVRGSKSEEEVLRMFLEFSKDTILVAHNAAFDMGFLNTSYARYGIPEAANPVID
TLELARYLYPQFKRFGLGVLSKKFGVSLEQHHRAIYDAEATGHLAWIFVKEAMDNHNMLYHDQLNEHIGEGDSYKRARPF
HVTILAKNQAGLKDLFKLISMSNVEYFERVPRIPRSQLKKMRENLLIGSACDKGEIFEAMMQKGVEEARNRAKFYDYIEV
MPKAVYAPLIEQELVKNEHDLEEIIQNLVEIGKSLDKIVVATGNVHYLNEEDAIYRKILINSMGGANPLNRHSLPDVHFR
TTDEMLTAFHFLGEETAKEIVVENTNKIADICEEVIPVKDELYTPKIPGSEDEISELSYTKAKQMYGDPLPEIIQKRLKK
ELNSINGNGFSVIYLIAQKLVHKSNEDGYLVGSRGSVGSSFVATMTGITEVNPLAPHYYCPECQYSEFFEDGTYGSGFDM
PEKQCPKCGARLNKDGHDIPFETFLGFHGDKVPDIDLNFSGDYQAEAHNYTKVLFGEDYVYRAGTIGTVADKTAYGYVKG
YERDNNLQFRSAEVDRLAKGATGVKRTTGQHPGGIIVIPDYMDVYDFTPIQYPADDQNSEWKTTHFDFHSIHDNVLKLDI
LGHDDPTVIRMLQDLSGIDPQTIPTDDPEVMRIFAGPEVLGVSQEQIYSKTGTLGIPEFGTRFVRGMLEETHPTTFAELL
QISGLSHGTDVWLGNAEELIRRGDATLAEVIGCRDDIMVYLIHAGLDSGMAFKIMETVRKGQWNKIPDELRETYLSAMKE
NNVPDWYIDSCSKIKYMFPKAHAAAYVLMALRVAYFKVYFPILYYCAYFSVRADDFDLVSMCKGKDAVKQAMKEITDKGL
DASVKEKNQLTVLELANEMLERGFKFGMIDLYKSDAVNFVIEGDTLIAPFRAVPSLGTNVAKQIVEARKDGPFLSKEDLA
TRGKVSKTLIEYMNDNGVLKDLPDENQLSLFDML
;
A
2 'polydeoxyribonucleotide' (DT)(DA)(DA) E
3 'polydeoxyribonucleotide'
;(DT)(DA)(DG)(DG)(DA)(DC)(DG)(DA)(DA)(DG)(DG)(DA)(DC)(DT)(DC)(DC)(DC)(DA)(DA)(DC)
(DT)(DT)(DT)(DA)(DG)(DG)(DT)(DG)(DC)(DG)(DC)(DA)(DT)
;
P
4 'polydeoxyribonucleotide'
;(DC)(DC)(DC)(DC)(DC)(DC)(DC)(DC)(DC)(DA)(DT)(DG)(DC)(DG)(DC)(DA)(DC)(DC)(DT)(DA)
(DA)(DA)(DG)(DT)(DT)(DG)(DG)(DG)(DA)(DG)(DT)(DC)(DC)(DT)(DT)(DC)(DG)(DT)(DC)(DC)
(DT)(DA)
;
T
#
loop_
_chem_comp.id
_chem_comp.type
_chem_comp.name
_chem_comp.formula
A1I88 non-polymer 5-[[2,2-bis(fluoranyl)-1,3-benzodioxol-5-yl]methylamino]-3-fluoranyl-1-(2-hydroxyethyl)-6~{H}-pyrazolo[4,3-d]pyrimidin-7-one 'C15 H12 F3 N5 O4'
DA DNA linking 2'-DEOXYADENOSINE-5'-MONOPHOSPHATE 'C10 H14 N5 O6 P'
DC DNA linking 2'-DEOXYCYTIDINE-5'-MONOPHOSPHATE 'C9 H14 N3 O7 P'
DG DNA linking 2'-DEOXYGUANOSINE-5'-MONOPHOSPHATE 'C10 H14 N5 O7 P'
DT DNA linking THYMIDINE-5'-MONOPHOSPHATE 'C10 H15 N2 O8 P'
MG non-polymer 'MAGNESIUM ION' 'Mg 2'
ZN non-polymer 'ZINC ION' 'Zn 2'
#
# COMPACT_ATOMS: atom_id res chain seq x y z
N ILE A 239 14.24 25.62 -27.62
CA ILE A 239 15.05 25.64 -28.81
C ILE A 239 15.31 24.22 -29.32
N HIS A 240 15.43 24.08 -30.64
CA HIS A 240 15.78 22.79 -31.22
C HIS A 240 17.08 22.28 -30.64
N ILE A 241 17.10 21.01 -30.27
CA ILE A 241 18.27 20.39 -29.64
C ILE A 241 19.00 19.56 -30.69
N GLN A 242 20.22 19.98 -31.01
CA GLN A 242 21.12 19.22 -31.87
C GLN A 242 22.51 19.28 -31.28
N LEU A 243 23.29 18.21 -31.47
CA LEU A 243 24.61 18.12 -30.87
C LEU A 243 25.73 18.07 -31.88
N GLY A 244 25.68 17.13 -32.83
CA GLY A 244 26.80 16.96 -33.75
C GLY A 244 26.50 17.33 -35.19
N ARG A 245 27.08 16.59 -36.12
CA ARG A 245 26.83 16.82 -37.53
C ARG A 245 25.38 16.47 -37.87
N ASN A 246 24.83 17.18 -38.86
CA ASN A 246 23.47 16.92 -39.30
C ASN A 246 23.35 15.48 -39.77
N ILE A 247 22.54 14.69 -39.08
CA ILE A 247 22.33 13.30 -39.48
C ILE A 247 21.50 13.27 -40.77
N PRO A 248 21.87 12.46 -41.76
CA PRO A 248 20.99 12.28 -42.92
C PRO A 248 19.60 11.84 -42.48
N ALA A 249 18.61 12.70 -42.74
CA ALA A 249 17.24 12.42 -42.32
C ALA A 249 16.69 11.17 -42.98
N THR A 253 17.31 3.36 -39.78
CA THR A 253 17.79 3.02 -38.43
C THR A 253 17.46 1.57 -38.14
N THR A 254 18.49 0.80 -37.81
CA THR A 254 18.32 -0.65 -37.50
C THR A 254 17.49 -0.84 -36.25
N PRO A 255 16.79 -1.97 -36.08
CA PRO A 255 16.09 -2.22 -34.84
C PRO A 255 17.18 -2.40 -33.79
N MET A 256 17.04 -1.75 -32.64
CA MET A 256 18.12 -1.84 -31.63
C MET A 256 18.26 -3.31 -31.24
N ILE A 257 17.19 -4.08 -31.37
CA ILE A 257 17.23 -5.51 -30.96
C ILE A 257 18.29 -6.20 -31.79
N SER A 258 18.32 -5.90 -33.09
CA SER A 258 19.27 -6.58 -34.00
C SER A 258 20.72 -6.21 -33.66
N ILE A 259 20.99 -4.93 -33.47
CA ILE A 259 22.40 -4.52 -33.27
C ILE A 259 22.94 -5.22 -32.03
N VAL A 260 23.97 -6.06 -32.20
CA VAL A 260 24.62 -6.66 -31.00
C VAL A 260 26.15 -6.55 -31.09
N GLU A 261 26.68 -6.35 -32.29
CA GLU A 261 28.15 -6.22 -32.48
C GLU A 261 28.62 -4.88 -31.91
N GLU A 262 29.88 -4.80 -31.49
CA GLU A 262 30.40 -3.48 -31.02
C GLU A 262 30.76 -2.69 -32.28
N GLU A 263 29.81 -2.56 -33.20
CA GLU A 263 30.09 -1.88 -34.49
C GLU A 263 30.10 -0.36 -34.30
N ARG A 264 30.57 0.36 -35.33
CA ARG A 264 30.58 1.85 -35.29
C ARG A 264 29.83 2.35 -36.52
N ARG A 265 29.54 3.66 -36.56
CA ARG A 265 28.78 4.24 -37.69
C ARG A 265 27.47 3.48 -37.87
N VAL A 266 26.63 3.45 -36.83
CA VAL A 266 25.29 2.82 -36.96
C VAL A 266 24.22 3.86 -36.66
N THR A 267 23.17 3.93 -37.47
CA THR A 267 22.07 4.82 -37.13
C THR A 267 21.14 4.14 -36.12
N LEU A 268 20.68 4.87 -35.12
CA LEU A 268 19.70 4.26 -34.17
C LEU A 268 18.81 5.35 -33.61
N GLU A 269 17.52 5.29 -33.91
CA GLU A 269 16.56 6.33 -33.43
C GLU A 269 15.49 5.66 -32.59
N GLY A 270 15.26 6.18 -31.39
CA GLY A 270 14.23 5.60 -30.54
C GLY A 270 13.63 6.64 -29.62
N TYR A 271 12.99 6.20 -28.56
CA TYR A 271 12.32 7.15 -27.64
C TYR A 271 13.14 7.26 -26.36
N VAL A 272 13.34 8.48 -25.84
CA VAL A 272 14.20 8.67 -24.64
C VAL A 272 13.37 8.41 -23.39
N PHE A 273 13.65 7.32 -22.68
CA PHE A 273 12.83 6.96 -21.50
C PHE A 273 13.61 7.23 -20.21
N ASP A 274 14.73 7.95 -20.29
CA ASP A 274 15.52 8.29 -19.08
C ASP A 274 16.69 9.21 -19.43
N LYS A 275 16.96 10.20 -18.58
CA LYS A 275 18.05 11.18 -18.84
C LYS A 275 18.95 11.30 -17.62
N GLU A 276 20.30 11.60 -17.89
CA GLU A 276 21.16 11.80 -16.71
C GLU A 276 22.47 12.46 -17.12
N VAL A 277 22.67 13.72 -16.72
CA VAL A 277 23.93 14.45 -17.03
C VAL A 277 24.79 14.43 -15.77
N ARG A 278 26.05 14.03 -15.91
CA ARG A 278 26.98 14.01 -14.75
C ARG A 278 28.08 15.02 -15.00
N GLU A 279 28.74 15.50 -13.94
CA GLU A 279 29.79 16.55 -14.09
C GLU A 279 31.17 15.91 -13.94
N LEU A 280 31.99 16.00 -14.98
CA LEU A 280 33.37 15.44 -14.90
C LEU A 280 34.19 16.36 -14.00
N ARG A 284 33.88 18.52 -18.60
CA ARG A 284 33.36 17.62 -19.66
C ARG A 284 32.08 16.95 -19.14
N LYS A 285 30.94 17.61 -19.31
CA LYS A 285 29.64 17.02 -18.88
C LYS A 285 29.39 15.75 -19.70
N ILE A 286 29.05 14.65 -19.04
CA ILE A 286 28.82 13.36 -19.76
C ILE A 286 27.32 13.11 -19.84
N LEU A 287 26.82 12.75 -21.03
CA LEU A 287 25.36 12.53 -21.21
C LEU A 287 25.07 11.04 -21.25
N THR A 288 24.11 10.60 -20.44
CA THR A 288 23.75 9.17 -20.53
C THR A 288 22.25 9.10 -20.81
N LEU A 289 21.88 8.62 -21.99
CA LEU A 289 20.45 8.61 -22.37
C LEU A 289 20.02 7.17 -22.53
N LYS A 290 18.91 6.78 -21.90
CA LYS A 290 18.38 5.44 -22.16
C LYS A 290 17.31 5.64 -23.21
N ILE A 291 17.47 5.06 -24.40
CA ILE A 291 16.51 5.28 -25.52
C ILE A 291 15.95 3.94 -25.97
N THR A 292 14.69 3.90 -26.38
CA THR A 292 14.05 2.60 -26.73
C THR A 292 13.31 2.67 -28.05
N ASP A 293 13.26 1.55 -28.76
CA ASP A 293 12.54 1.48 -30.06
C ASP A 293 11.41 0.49 -29.87
N TYR A 294 11.15 0.11 -28.62
CA TYR A 294 10.05 -0.81 -28.29
C TYR A 294 10.47 -2.21 -28.78
N THR A 295 11.63 -2.30 -29.43
CA THR A 295 12.16 -3.63 -29.82
C THR A 295 13.23 -3.98 -28.80
N SER A 296 14.11 -3.04 -28.47
CA SER A 296 15.11 -3.25 -27.40
C SER A 296 15.60 -1.88 -26.95
N SER A 297 16.36 -1.81 -25.87
CA SER A 297 16.76 -0.48 -25.34
C SER A 297 18.28 -0.39 -25.29
N PHE A 298 18.81 0.71 -25.79
CA PHE A 298 20.27 0.91 -25.73
C PHE A 298 20.57 2.18 -24.94
N ILE A 299 21.85 2.44 -24.71
CA ILE A 299 22.30 3.64 -23.94
C ILE A 299 23.16 4.55 -24.82
N VAL A 300 22.71 5.77 -25.12
CA VAL A 300 23.46 6.75 -25.89
C VAL A 300 24.39 7.49 -24.94
N LYS A 301 25.67 7.52 -25.26
CA LYS A 301 26.66 8.23 -24.48
C LYS A 301 27.18 9.41 -25.28
N LYS A 302 27.22 10.58 -24.65
CA LYS A 302 27.75 11.75 -25.34
C LYS A 302 28.66 12.54 -24.39
N PHE A 303 29.67 13.18 -24.99
CA PHE A 303 30.59 14.06 -24.27
C PHE A 303 30.37 15.47 -24.77
N ASP A 309 26.97 22.17 -26.36
CA ASP A 309 26.72 20.75 -26.14
C ASP A 309 26.09 20.52 -24.77
N GLU A 310 26.56 21.20 -23.73
CA GLU A 310 25.97 21.03 -22.42
C GLU A 310 24.56 21.62 -22.35
N GLN A 311 24.32 22.71 -23.10
CA GLN A 311 22.96 23.24 -23.18
C GLN A 311 22.02 22.22 -23.82
N VAL A 312 22.49 21.54 -24.87
CA VAL A 312 21.70 20.44 -25.44
C VAL A 312 21.51 19.34 -24.40
N PHE A 313 22.58 18.99 -23.68
CA PHE A 313 22.52 17.96 -22.65
C PHE A 313 21.38 18.23 -21.69
N ASP A 314 21.30 19.47 -21.22
CA ASP A 314 20.19 19.86 -20.34
C ASP A 314 18.87 19.91 -21.09
N ALA A 315 18.91 20.20 -22.40
CA ALA A 315 17.67 20.40 -23.15
C ALA A 315 16.97 19.09 -23.45
N ILE A 316 17.72 18.02 -23.73
CA ILE A 316 17.10 16.74 -24.02
C ILE A 316 16.28 16.30 -22.82
N SER A 317 15.06 15.83 -23.08
CA SER A 317 14.12 15.50 -22.03
C SER A 317 13.48 14.15 -22.32
N VAL A 318 12.93 13.54 -21.27
CA VAL A 318 12.25 12.27 -21.44
C VAL A 318 11.04 12.47 -22.34
N GLY A 319 10.66 11.40 -23.04
CA GLY A 319 9.54 11.45 -23.95
C GLY A 319 9.86 11.96 -25.34
N SER A 320 11.10 12.39 -25.57
CA SER A 320 11.50 12.84 -26.89
C SER A 320 11.83 11.66 -27.79
N TRP A 321 11.95 11.95 -29.08
CA TRP A 321 12.39 10.97 -30.07
C TRP A 321 13.72 11.42 -30.64
N LEU A 322 14.71 10.55 -30.60
CA LEU A 322 16.09 10.93 -30.91
C LEU A 322 16.72 9.93 -31.86
N LYS A 323 17.47 10.44 -32.84
CA LYS A 323 18.32 9.60 -33.68
C LYS A 323 19.76 10.02 -33.47
N VAL A 324 20.63 9.05 -33.20
CA VAL A 324 22.01 9.34 -32.86
C VAL A 324 22.95 9.10 -34.03
N ARG A 325 22.85 7.94 -34.69
CA ARG A 325 23.76 7.58 -35.77
C ARG A 325 25.22 7.66 -35.28
N GLY A 326 25.53 6.78 -34.34
CA GLY A 326 26.84 6.80 -33.71
C GLY A 326 27.56 5.47 -33.76
N SER A 327 28.52 5.29 -32.85
CA SER A 327 29.34 4.09 -32.81
C SER A 327 29.02 3.30 -31.55
N ILE A 328 28.71 2.01 -31.73
CA ILE A 328 28.44 1.13 -30.61
C ILE A 328 29.76 0.69 -30.00
N GLN A 329 30.06 1.17 -28.79
CA GLN A 329 31.29 0.83 -28.09
C GLN A 329 30.95 0.06 -26.83
N GLU A 330 31.40 -1.19 -26.76
CA GLU A 330 31.14 -2.01 -25.60
C GLU A 330 31.78 -1.39 -24.35
N ASP A 331 33.01 -0.90 -24.48
CA ASP A 331 33.73 -0.37 -23.33
C ASP A 331 32.93 0.74 -22.65
N THR A 332 32.74 0.60 -21.35
CA THR A 332 32.02 1.55 -20.51
C THR A 332 32.18 1.12 -19.07
N PHE A 333 31.76 2.00 -18.15
CA PHE A 333 31.57 1.57 -16.76
C PHE A 333 30.49 0.50 -16.69
N VAL A 334 29.44 0.65 -17.48
CA VAL A 334 28.41 -0.37 -17.62
C VAL A 334 28.91 -1.45 -18.56
N ARG A 335 28.71 -2.71 -18.16
CA ARG A 335 29.23 -3.82 -18.95
C ARG A 335 28.59 -3.87 -20.33
N ASP A 336 27.28 -3.64 -20.42
CA ASP A 336 26.57 -3.73 -21.69
C ASP A 336 27.23 -2.85 -22.74
N LEU A 337 26.98 -3.15 -24.01
CA LEU A 337 27.41 -2.27 -25.08
C LEU A 337 26.70 -0.93 -24.95
N VAL A 338 27.41 0.15 -25.29
CA VAL A 338 26.87 1.49 -25.22
C VAL A 338 27.12 2.17 -26.56
N MET A 339 26.29 3.16 -26.86
CA MET A 339 26.40 3.91 -28.10
C MET A 339 27.08 5.25 -27.81
N ASN A 340 28.24 5.47 -28.44
CA ASN A 340 28.93 6.75 -28.37
C ASN A 340 28.46 7.60 -29.54
N ALA A 341 27.60 8.57 -29.26
CA ALA A 341 26.92 9.34 -30.29
C ALA A 341 27.61 10.68 -30.46
N GLN A 342 28.36 10.82 -31.56
CA GLN A 342 28.97 12.11 -31.87
C GLN A 342 27.94 13.16 -32.23
N ASP A 343 26.73 12.75 -32.61
CA ASP A 343 25.64 13.68 -32.91
C ASP A 343 24.32 13.03 -32.53
N ILE A 344 23.44 13.83 -31.93
CA ILE A 344 22.09 13.39 -31.58
C ILE A 344 21.11 14.45 -32.09
N ILE A 345 20.06 14.01 -32.78
CA ILE A 345 19.13 14.92 -33.41
C ILE A 345 17.70 14.53 -33.04
N GLU A 346 16.90 15.53 -32.68
CA GLU A 346 15.51 15.31 -32.35
C GLU A 346 14.70 14.96 -33.60
N VAL A 347 13.58 14.29 -33.39
CA VAL A 347 12.68 13.89 -34.48
C VAL A 347 11.26 14.01 -33.97
N LYS A 348 10.36 14.42 -34.86
CA LYS A 348 8.96 14.64 -34.51
C LYS A 348 8.17 13.37 -34.83
N HIS A 349 7.51 12.83 -33.82
CA HIS A 349 6.69 11.63 -33.96
C HIS A 349 5.23 12.01 -33.77
N THR A 350 4.39 11.64 -34.72
CA THR A 350 2.97 11.91 -34.58
C THR A 350 2.37 10.96 -33.56
N PRO A 351 1.67 11.46 -32.55
CA PRO A 351 1.00 10.58 -31.60
C PRO A 351 -0.23 9.94 -32.23
N ARG A 352 -0.75 8.92 -31.55
CA ARG A 352 -2.01 8.34 -31.96
C ARG A 352 -3.10 9.40 -31.95
N LYS A 353 -3.91 9.42 -33.01
CA LYS A 353 -4.97 10.41 -33.15
C LYS A 353 -6.31 9.71 -33.30
N ASP A 354 -7.36 10.39 -32.85
CA ASP A 354 -8.74 9.95 -33.07
C ASP A 354 -9.26 10.67 -34.31
N TYR A 355 -9.39 9.94 -35.41
CA TYR A 355 -9.73 10.53 -36.69
C TYR A 355 -11.23 10.75 -36.88
N ALA A 356 -12.06 10.35 -35.92
CA ALA A 356 -13.49 10.53 -36.03
C ALA A 356 -13.84 12.02 -35.97
N PRO A 357 -15.01 12.39 -36.47
CA PRO A 357 -15.44 13.79 -36.38
C PRO A 357 -15.58 14.23 -34.93
N GLU A 358 -15.59 15.55 -34.73
CA GLU A 358 -15.55 16.09 -33.37
C GLU A 358 -16.77 15.65 -32.56
N GLY A 359 -17.96 15.71 -33.17
CA GLY A 359 -19.16 15.32 -32.43
C GLY A 359 -19.38 13.82 -32.33
N GLU A 360 -18.69 13.04 -33.15
CA GLU A 360 -18.90 11.59 -33.23
C GLU A 360 -17.79 10.81 -32.53
N LYS A 361 -17.32 11.29 -31.39
CA LYS A 361 -16.32 10.58 -30.62
C LYS A 361 -16.96 9.59 -29.66
N ARG A 362 -16.27 8.50 -29.40
CA ARG A 362 -16.73 7.50 -28.47
C ARG A 362 -16.44 7.92 -27.03
N VAL A 363 -17.10 7.24 -26.09
CA VAL A 363 -16.79 7.33 -24.67
C VAL A 363 -16.32 5.95 -24.23
N GLU A 364 -15.12 5.88 -23.68
CA GLU A 364 -14.59 4.62 -23.17
C GLU A 364 -15.13 4.38 -21.78
N LEU A 365 -15.91 3.31 -21.61
CA LEU A 365 -16.63 3.04 -20.38
C LEU A 365 -16.02 1.92 -19.55
N HIS A 366 -14.92 1.32 -19.99
CA HIS A 366 -14.27 0.23 -19.27
C HIS A 366 -12.78 0.53 -19.27
N VAL A 367 -12.30 1.18 -18.22
CA VAL A 367 -10.91 1.59 -18.12
C VAL A 367 -10.32 1.05 -16.83
N HIS A 368 -9.18 0.39 -16.93
CA HIS A 368 -8.45 -0.14 -15.79
C HIS A 368 -7.14 0.62 -15.63
N SER A 369 -6.91 1.15 -14.45
CA SER A 369 -5.70 1.90 -14.16
C SER A 369 -4.73 1.04 -13.35
N ASN A 370 -3.56 1.61 -13.05
CA ASN A 370 -2.58 0.89 -12.24
C ASN A 370 -3.07 0.63 -10.82
N MET A 371 -4.27 1.09 -10.47
CA MET A 371 -4.86 0.77 -9.18
C MET A 371 -5.63 -0.53 -9.19
N SER A 372 -5.77 -1.18 -10.35
CA SER A 372 -6.19 -2.57 -10.42
C SER A 372 -4.99 -3.44 -10.08
N THR A 373 -5.02 -4.10 -8.93
CA THR A 373 -3.84 -4.75 -8.39
C THR A 373 -3.19 -5.70 -9.39
N MET A 374 -1.99 -5.35 -9.86
CA MET A 374 -1.18 -6.22 -10.71
C MET A 374 -1.90 -6.62 -11.99
N ASP A 375 -2.81 -5.77 -12.48
CA ASP A 375 -3.54 -6.06 -13.70
C ASP A 375 -3.31 -5.01 -14.78
N ALA A 376 -3.38 -3.73 -14.45
CA ALA A 376 -3.18 -2.65 -15.40
C ALA A 376 -1.97 -1.84 -14.99
N THR A 377 -1.38 -1.16 -15.97
CA THR A 377 -0.08 -0.54 -15.79
C THR A 377 -0.05 0.98 -15.97
N ASN A 378 -1.10 1.58 -16.52
CA ASN A 378 -1.10 3.01 -16.77
C ASN A 378 -1.88 3.74 -15.70
N SER A 379 -1.35 4.88 -15.28
CA SER A 379 -2.05 5.74 -14.33
C SER A 379 -3.31 6.32 -14.96
N ILE A 380 -4.34 6.48 -14.15
CA ILE A 380 -5.58 7.05 -14.66
C ILE A 380 -5.33 8.44 -15.22
N SER A 381 -4.32 9.14 -14.71
CA SER A 381 -4.03 10.48 -15.18
C SER A 381 -3.68 10.48 -16.67
N ASP A 382 -2.81 9.57 -17.10
CA ASP A 382 -2.40 9.57 -18.49
C ASP A 382 -3.50 9.04 -19.40
N LEU A 383 -4.32 8.09 -18.92
CA LEU A 383 -5.47 7.66 -19.70
C LEU A 383 -6.46 8.80 -19.90
N VAL A 384 -6.71 9.58 -18.85
CA VAL A 384 -7.63 10.71 -18.96
C VAL A 384 -7.04 11.79 -19.86
N ALA A 385 -5.73 11.99 -19.80
CA ALA A 385 -5.09 12.94 -20.69
C ALA A 385 -5.19 12.49 -22.14
N GLN A 386 -5.02 11.19 -22.40
CA GLN A 386 -5.17 10.68 -23.76
C GLN A 386 -6.58 10.87 -24.26
N ALA A 387 -7.57 10.58 -23.41
CA ALA A 387 -8.96 10.81 -23.80
C ALA A 387 -9.20 12.28 -24.09
N GLY A 388 -8.63 13.18 -23.29
CA GLY A 388 -8.79 14.59 -23.53
C GLY A 388 -8.18 15.04 -24.85
N LYS A 389 -6.97 14.55 -25.15
CA LYS A 389 -6.34 14.89 -26.43
C LYS A 389 -7.14 14.35 -27.60
N TRP A 390 -7.67 13.14 -27.48
CA TRP A 390 -8.44 12.54 -28.57
C TRP A 390 -9.79 13.20 -28.77
N GLY A 391 -10.22 14.08 -27.87
CA GLY A 391 -11.49 14.75 -28.00
C GLY A 391 -12.66 14.09 -27.31
N HIS A 392 -12.44 12.97 -26.64
CA HIS A 392 -13.53 12.27 -25.97
C HIS A 392 -14.18 13.16 -24.92
N ARG A 393 -15.51 13.16 -24.88
CA ARG A 393 -16.24 13.99 -23.93
C ARG A 393 -16.21 13.43 -22.51
N ALA A 394 -15.99 12.13 -22.34
CA ALA A 394 -15.99 11.54 -21.02
C ALA A 394 -15.20 10.24 -21.06
N ILE A 395 -14.87 9.74 -19.88
CA ILE A 395 -14.18 8.47 -19.72
C ILE A 395 -14.57 7.89 -18.36
N ALA A 396 -14.55 6.57 -18.27
CA ALA A 396 -14.93 5.88 -17.05
C ALA A 396 -13.69 5.27 -16.42
N ILE A 397 -13.61 5.33 -15.09
CA ILE A 397 -12.57 4.67 -14.33
C ILE A 397 -13.26 3.55 -13.55
N THR A 398 -13.13 2.33 -14.04
CA THR A 398 -13.71 1.15 -13.41
C THR A 398 -12.58 0.18 -13.14
N ASP A 399 -12.04 0.20 -11.93
CA ASP A 399 -10.98 -0.71 -11.55
C ASP A 399 -11.56 -1.98 -10.93
N HIS A 400 -10.72 -2.98 -10.78
CA HIS A 400 -11.14 -4.30 -10.31
C HIS A 400 -11.38 -4.24 -8.80
N GLY A 401 -12.61 -3.93 -8.42
CA GLY A 401 -13.05 -4.03 -7.04
C GLY A 401 -12.72 -2.84 -6.15
N GLY A 402 -12.14 -1.78 -6.69
CA GLY A 402 -11.77 -0.64 -5.87
C GLY A 402 -12.03 0.66 -6.61
N ALA A 403 -11.97 1.75 -5.83
CA ALA A 403 -12.13 3.10 -6.36
C ALA A 403 -10.92 3.96 -6.02
N GLN A 404 -9.76 3.35 -5.81
CA GLN A 404 -8.60 4.06 -5.31
C GLN A 404 -8.01 5.04 -6.31
N ALA A 405 -8.44 5.01 -7.56
CA ALA A 405 -8.01 5.97 -8.56
C ALA A 405 -8.97 7.14 -8.71
N PHE A 406 -9.99 7.23 -7.85
CA PHE A 406 -10.99 8.28 -8.00
C PHE A 406 -10.43 9.68 -7.80
N PRO A 407 -9.64 9.96 -6.77
CA PRO A 407 -9.11 11.32 -6.62
C PRO A 407 -8.19 11.76 -7.75
N GLU A 408 -7.27 10.87 -8.15
CA GLU A 408 -6.39 11.18 -9.28
C GLU A 408 -7.19 11.34 -10.56
N ALA A 409 -8.23 10.52 -10.73
CA ALA A 409 -9.09 10.66 -11.90
C ALA A 409 -9.82 12.00 -11.89
N HIS A 410 -10.26 12.45 -10.72
CA HIS A 410 -10.92 13.75 -10.62
C HIS A 410 -9.97 14.86 -11.04
N SER A 411 -8.75 14.83 -10.51
CA SER A 411 -7.77 15.85 -10.86
C SER A 411 -7.48 15.84 -12.35
N ALA A 412 -7.27 14.65 -12.91
CA ALA A 412 -6.95 14.53 -14.33
C ALA A 412 -8.10 14.99 -15.21
N GLY A 413 -9.34 14.64 -14.84
CA GLY A 413 -10.48 15.07 -15.61
C GLY A 413 -10.67 16.57 -15.56
N LYS A 414 -10.37 17.18 -14.40
CA LYS A 414 -10.37 18.63 -14.33
C LYS A 414 -9.34 19.22 -15.28
N LYS A 415 -8.11 18.72 -15.21
CA LYS A 415 -7.04 19.29 -16.02
C LYS A 415 -7.31 19.14 -17.51
N ALA A 416 -7.83 17.99 -17.93
CA ALA A 416 -8.01 17.69 -19.34
C ALA A 416 -9.34 18.16 -19.91
N GLY A 417 -10.25 18.67 -19.08
CA GLY A 417 -11.57 19.02 -19.56
C GLY A 417 -12.36 17.82 -20.04
N VAL A 418 -12.26 16.69 -19.34
CA VAL A 418 -12.90 15.45 -19.72
C VAL A 418 -13.78 14.99 -18.56
N LYS A 419 -15.04 14.67 -18.85
CA LYS A 419 -15.98 14.23 -17.79
C LYS A 419 -15.62 12.83 -17.34
N ILE A 420 -15.59 12.62 -16.05
CA ILE A 420 -15.19 11.35 -15.46
C ILE A 420 -16.45 10.66 -14.92
N LEU A 421 -16.64 9.41 -15.32
CA LEU A 421 -17.70 8.57 -14.79
C LEU A 421 -17.05 7.57 -13.83
N TYR A 422 -17.51 7.56 -12.59
CA TYR A 422 -16.85 6.82 -11.52
C TYR A 422 -17.52 5.47 -11.36
N GLY A 423 -16.78 4.41 -11.67
CA GLY A 423 -17.31 3.07 -11.61
C GLY A 423 -16.30 2.10 -11.06
N VAL A 424 -16.72 0.85 -10.98
CA VAL A 424 -15.90 -0.25 -10.49
C VAL A 424 -16.25 -1.49 -11.27
N GLU A 425 -15.27 -2.37 -11.43
CA GLU A 425 -15.47 -3.70 -11.95
C GLU A 425 -15.57 -4.63 -10.75
N ALA A 426 -16.79 -4.86 -10.30
CA ALA A 426 -17.05 -5.66 -9.12
C ALA A 426 -17.17 -7.13 -9.46
N ASN A 427 -16.81 -7.98 -8.51
CA ASN A 427 -17.07 -9.40 -8.58
C ASN A 427 -18.36 -9.66 -7.81
N VAL A 428 -19.43 -9.92 -8.54
CA VAL A 428 -20.73 -10.14 -7.95
C VAL A 428 -20.99 -11.64 -7.86
N VAL A 429 -21.54 -12.06 -6.73
CA VAL A 429 -21.89 -13.46 -6.49
C VAL A 429 -23.40 -13.55 -6.40
N ASP A 430 -23.98 -14.50 -7.12
CA ASP A 430 -25.42 -14.71 -7.04
C ASP A 430 -25.83 -15.10 -5.63
N ASP A 431 -26.56 -14.21 -4.97
CA ASP A 431 -26.91 -14.43 -3.57
C ASP A 431 -27.64 -15.75 -3.38
N GLY A 432 -28.67 -16.00 -4.17
CA GLY A 432 -29.40 -17.25 -4.06
C GLY A 432 -29.31 -18.11 -5.31
N VAL A 433 -28.57 -19.20 -5.22
CA VAL A 433 -28.50 -20.21 -6.27
C VAL A 433 -29.24 -21.45 -5.76
N PRO A 434 -30.36 -21.83 -6.37
CA PRO A 434 -31.16 -22.91 -5.81
C PRO A 434 -30.47 -24.26 -5.89
N ILE A 435 -30.79 -25.12 -4.93
CA ILE A 435 -30.37 -26.51 -5.00
C ILE A 435 -31.34 -27.32 -5.84
N ALA A 436 -32.63 -27.14 -5.63
CA ALA A 436 -33.67 -27.80 -6.40
C ALA A 436 -34.21 -26.86 -7.46
N TYR A 437 -34.41 -27.38 -8.67
CA TYR A 437 -34.79 -26.55 -9.82
C TYR A 437 -36.29 -26.58 -10.08
N ASN A 438 -36.86 -27.76 -10.29
CA ASN A 438 -38.30 -27.91 -10.52
C ASN A 438 -38.93 -28.26 -9.18
N ASP A 439 -39.29 -27.22 -8.42
CA ASP A 439 -39.81 -27.42 -7.08
C ASP A 439 -41.03 -28.33 -7.11
N ALA A 440 -40.99 -29.35 -6.24
CA ALA A 440 -42.10 -30.33 -6.15
C ALA A 440 -42.14 -30.88 -4.72
N HIS A 441 -43.28 -31.44 -4.30
CA HIS A 441 -43.41 -31.90 -2.89
C HIS A 441 -43.19 -33.41 -2.79
N GLU A 442 -42.24 -33.95 -3.55
CA GLU A 442 -41.92 -35.38 -3.43
C GLU A 442 -41.16 -35.62 -2.12
N ALA A 443 -41.08 -36.86 -1.67
CA ALA A 443 -40.34 -37.18 -0.45
C ALA A 443 -38.96 -37.69 -0.86
N LEU A 444 -37.91 -37.01 -0.40
CA LEU A 444 -36.55 -37.36 -0.88
C LEU A 444 -36.20 -38.80 -0.47
N SER A 445 -36.57 -39.21 0.74
CA SER A 445 -36.15 -40.55 1.24
C SER A 445 -36.77 -41.63 0.37
N GLU A 446 -37.98 -41.45 -0.15
CA GLU A 446 -38.60 -42.57 -0.88
C GLU A 446 -38.60 -42.36 -2.39
N ALA A 447 -38.14 -41.22 -2.86
CA ALA A 447 -38.25 -40.92 -4.31
C ALA A 447 -37.25 -41.73 -5.13
N THR A 448 -37.46 -41.78 -6.44
CA THR A 448 -36.53 -42.49 -7.35
C THR A 448 -35.64 -41.45 -8.02
N TYR A 449 -34.32 -41.67 -8.01
CA TYR A 449 -33.39 -40.67 -8.54
C TYR A 449 -32.71 -41.22 -9.79
N VAL A 450 -32.70 -40.45 -10.88
CA VAL A 450 -31.97 -40.87 -12.10
C VAL A 450 -30.69 -40.05 -12.15
N VAL A 451 -29.72 -40.37 -11.30
CA VAL A 451 -28.49 -39.59 -11.26
C VAL A 451 -27.80 -39.76 -12.61
N PHE A 452 -27.75 -38.69 -13.39
CA PHE A 452 -27.26 -38.78 -14.76
C PHE A 452 -26.03 -37.90 -14.96
N ALA A 453 -25.41 -38.07 -16.12
CA ALA A 453 -24.21 -37.32 -16.48
C ALA A 453 -24.04 -37.37 -17.99
N VAL A 454 -23.32 -36.37 -18.50
CA VAL A 454 -23.09 -36.24 -19.94
C VAL A 454 -21.60 -36.01 -20.17
N ALA A 455 -21.06 -36.71 -21.16
CA ALA A 455 -19.73 -36.44 -21.69
C ALA A 455 -19.91 -35.68 -23.00
N THR A 456 -19.30 -34.50 -23.09
CA THR A 456 -19.55 -33.55 -24.14
C THR A 456 -18.23 -33.18 -24.83
N THR A 457 -18.35 -32.60 -26.01
CA THR A 457 -17.18 -32.07 -26.73
C THR A 457 -16.97 -30.59 -26.41
N GLY A 458 -16.96 -30.25 -25.12
CA GLY A 458 -16.75 -28.88 -24.70
C GLY A 458 -17.75 -28.49 -23.63
N LEU A 459 -17.84 -27.18 -23.40
CA LEU A 459 -18.68 -26.63 -22.33
C LEU A 459 -19.84 -25.80 -22.83
N SER A 460 -19.89 -25.45 -24.11
CA SER A 460 -20.92 -24.57 -24.65
C SER A 460 -22.08 -25.42 -25.16
N ALA A 461 -23.15 -25.48 -24.37
CA ALA A 461 -24.34 -26.22 -24.82
C ALA A 461 -24.86 -25.66 -26.14
N VAL A 462 -24.61 -24.39 -26.41
CA VAL A 462 -25.05 -23.80 -27.67
C VAL A 462 -24.21 -24.33 -28.83
N TYR A 463 -22.89 -24.39 -28.66
CA TYR A 463 -21.97 -24.59 -29.78
C TYR A 463 -21.29 -25.95 -29.78
N ASP A 464 -21.53 -26.80 -28.78
CA ASP A 464 -21.09 -28.18 -28.84
C ASP A 464 -22.23 -29.07 -28.37
N THR A 465 -21.94 -30.34 -28.16
CA THR A 465 -23.01 -31.30 -27.90
C THR A 465 -22.48 -32.49 -27.14
N ILE A 466 -23.41 -33.22 -26.52
CA ILE A 466 -23.05 -34.41 -25.77
C ILE A 466 -22.59 -35.51 -26.72
N ILE A 467 -21.64 -36.32 -26.25
CA ILE A 467 -21.22 -37.52 -26.98
C ILE A 467 -21.46 -38.79 -26.19
N GLU A 468 -21.74 -38.70 -24.89
CA GLU A 468 -22.09 -39.86 -24.10
C GLU A 468 -23.12 -39.47 -23.06
N LEU A 469 -24.15 -40.30 -22.89
CA LEU A 469 -25.22 -40.06 -21.93
C LEU A 469 -25.27 -41.23 -20.98
N ALA A 470 -24.99 -40.98 -19.71
CA ALA A 470 -25.03 -42.02 -18.69
C ALA A 470 -26.03 -41.63 -17.61
N ALA A 471 -26.56 -42.64 -16.93
CA ALA A 471 -27.49 -42.40 -15.84
C ALA A 471 -27.68 -43.69 -15.06
N VAL A 472 -27.94 -43.54 -13.77
CA VAL A 472 -28.24 -44.66 -12.89
C VAL A 472 -29.50 -44.32 -12.12
N LYS A 473 -30.49 -45.20 -12.26
CA LYS A 473 -31.75 -45.05 -11.50
C LYS A 473 -31.47 -45.68 -10.15
N MET A 474 -31.60 -44.89 -9.09
CA MET A 474 -31.24 -45.41 -7.75
C MET A 474 -32.46 -45.31 -6.86
N TYR A 475 -32.64 -46.28 -5.96
CA TYR A 475 -33.76 -46.19 -5.00
C TYR A 475 -33.22 -46.45 -3.60
N LYS A 476 -33.78 -45.77 -2.61
CA LYS A 476 -33.37 -45.96 -1.22
C LYS A 476 -31.86 -46.04 -1.06
N GLY A 477 -31.13 -45.39 -1.97
CA GLY A 477 -29.68 -45.42 -1.94
C GLY A 477 -29.06 -46.59 -2.67
N ASN A 478 -29.85 -47.52 -3.18
CA ASN A 478 -29.37 -48.65 -3.94
C ASN A 478 -29.74 -48.49 -5.40
N VAL A 479 -28.89 -49.01 -6.29
CA VAL A 479 -29.13 -48.89 -7.72
C VAL A 479 -30.27 -49.79 -8.14
N ILE A 480 -31.13 -49.28 -9.01
CA ILE A 480 -32.24 -50.03 -9.55
C ILE A 480 -32.09 -50.35 -11.03
N GLU A 481 -31.47 -49.46 -11.80
CA GLU A 481 -31.32 -49.62 -13.24
C GLU A 481 -30.18 -48.74 -13.71
N SER A 482 -29.72 -48.98 -14.94
CA SER A 482 -28.64 -48.19 -15.51
C SER A 482 -28.89 -47.97 -16.99
N PHE A 483 -28.66 -46.75 -17.45
CA PHE A 483 -28.87 -46.35 -18.84
C PHE A 483 -27.60 -45.66 -19.32
N ASP A 484 -26.83 -46.35 -20.16
CA ASP A 484 -25.61 -45.79 -20.71
C ASP A 484 -25.65 -45.89 -22.23
N GLU A 485 -25.33 -44.79 -22.90
CA GLU A 485 -25.38 -44.75 -24.36
C GLU A 485 -24.30 -43.82 -24.88
N PHE A 486 -23.87 -44.10 -26.11
CA PHE A 486 -22.91 -43.27 -26.81
C PHE A 486 -23.62 -42.52 -27.91
N ILE A 487 -23.34 -41.22 -28.03
CA ILE A 487 -23.84 -40.40 -29.13
C ILE A 487 -22.64 -39.98 -29.97
N ASP A 488 -22.78 -40.07 -31.28
CA ASP A 488 -21.67 -39.79 -32.18
C ASP A 488 -21.82 -38.41 -32.79
N PRO A 489 -20.95 -37.46 -32.47
CA PRO A 489 -20.90 -36.22 -33.26
C PRO A 489 -20.32 -36.49 -34.64
N GLY A 490 -20.83 -35.76 -35.63
CA GLY A 490 -20.32 -35.93 -36.98
C GLY A 490 -18.82 -35.70 -37.08
N HIS A 491 -18.33 -34.68 -36.37
CA HIS A 491 -16.91 -34.35 -36.40
C HIS A 491 -16.11 -35.35 -35.56
N PRO A 492 -14.87 -35.65 -35.96
CA PRO A 492 -14.02 -36.49 -35.12
C PRO A 492 -13.72 -35.81 -33.79
N LEU A 493 -13.63 -36.61 -32.74
CA LEU A 493 -13.40 -36.06 -31.42
C LEU A 493 -12.02 -35.42 -31.34
N SER A 494 -11.97 -34.17 -30.87
CA SER A 494 -10.71 -33.48 -30.71
C SER A 494 -9.87 -34.16 -29.63
N ARG A 495 -8.55 -34.08 -29.81
CA ARG A 495 -7.64 -34.73 -28.85
C ARG A 495 -7.91 -34.27 -27.43
N THR A 496 -8.43 -33.05 -27.29
CA THR A 496 -8.79 -32.55 -25.94
C THR A 496 -9.85 -33.47 -25.35
N THR A 497 -10.91 -33.73 -26.12
CA THR A 497 -12.02 -34.56 -25.60
C THR A 497 -11.51 -35.98 -25.40
N VAL A 498 -10.80 -36.51 -26.39
CA VAL A 498 -10.31 -37.91 -26.33
C VAL A 498 -9.54 -38.08 -25.01
N ASP A 499 -8.99 -37.00 -24.48
CA ASP A 499 -8.16 -37.13 -23.26
C ASP A 499 -9.01 -36.77 -22.04
N LEU A 500 -9.63 -35.60 -22.05
CA LEU A 500 -10.52 -35.21 -20.93
C LEU A 500 -11.47 -36.36 -20.71
N THR A 501 -12.11 -36.81 -21.79
CA THR A 501 -13.09 -37.91 -21.67
C THR A 501 -12.48 -39.13 -22.32
N GLY A 502 -12.61 -40.30 -21.70
CA GLY A 502 -11.94 -41.47 -22.28
C GLY A 502 -12.77 -41.99 -23.43
N ILE A 503 -12.99 -41.16 -24.44
CA ILE A 503 -13.86 -41.57 -25.59
C ILE A 503 -13.16 -41.23 -26.88
N THR A 504 -12.97 -42.23 -27.73
CA THR A 504 -12.34 -42.04 -29.04
C THR A 504 -13.40 -42.10 -30.12
N ASP A 505 -13.00 -41.71 -31.34
CA ASP A 505 -13.95 -41.71 -32.45
C ASP A 505 -14.47 -43.12 -32.72
N GLY A 506 -13.60 -44.11 -32.62
CA GLY A 506 -14.10 -45.48 -32.77
C GLY A 506 -15.02 -45.81 -31.61
N MET A 507 -14.62 -45.43 -30.40
CA MET A 507 -15.42 -45.80 -29.23
C MET A 507 -16.89 -45.48 -29.44
N VAL A 508 -17.15 -44.44 -30.24
CA VAL A 508 -18.56 -44.04 -30.51
C VAL A 508 -18.78 -44.03 -32.02
N ARG A 509 -17.97 -44.78 -32.76
CA ARG A 509 -18.06 -44.74 -34.25
C ARG A 509 -19.45 -45.20 -34.66
N GLY A 510 -19.98 -46.25 -34.01
CA GLY A 510 -21.32 -46.75 -34.34
C GLY A 510 -22.27 -46.63 -33.17
N SER A 511 -23.19 -45.65 -33.21
CA SER A 511 -24.10 -45.44 -32.05
C SER A 511 -25.47 -44.93 -32.54
N LYS A 512 -26.49 -45.10 -31.72
CA LYS A 512 -27.86 -44.71 -32.12
C LYS A 512 -27.93 -43.20 -32.30
N SER A 513 -28.88 -42.72 -33.11
CA SER A 513 -29.05 -41.27 -33.32
C SER A 513 -29.51 -40.62 -32.02
N GLU A 514 -29.24 -39.33 -31.84
CA GLU A 514 -29.59 -38.72 -30.55
C GLU A 514 -31.10 -38.81 -30.38
N GLU A 515 -31.86 -38.43 -31.39
CA GLU A 515 -33.33 -38.40 -31.18
C GLU A 515 -33.70 -39.68 -30.44
N GLU A 516 -33.01 -40.77 -30.76
CA GLU A 516 -33.38 -42.04 -30.15
C GLU A 516 -32.83 -42.16 -28.74
N VAL A 517 -31.57 -41.77 -28.52
CA VAL A 517 -31.00 -41.83 -27.18
C VAL A 517 -31.73 -40.87 -26.25
N LEU A 518 -32.10 -39.70 -26.76
CA LEU A 518 -32.85 -38.75 -25.95
C LEU A 518 -34.20 -39.31 -25.54
N ARG A 519 -34.90 -39.96 -26.49
CA ARG A 519 -36.17 -40.60 -26.16
C ARG A 519 -35.98 -41.72 -25.14
N MET A 520 -34.91 -42.49 -25.29
CA MET A 520 -34.63 -43.56 -24.33
C MET A 520 -34.41 -43.00 -22.94
N PHE A 521 -33.66 -41.90 -22.82
CA PHE A 521 -33.44 -41.31 -21.51
C PHE A 521 -34.70 -40.64 -20.98
N LEU A 522 -35.52 -40.08 -21.85
CA LEU A 522 -36.79 -39.48 -21.42
C LEU A 522 -37.71 -40.53 -20.83
N GLU A 523 -37.79 -41.70 -21.46
CA GLU A 523 -38.58 -42.79 -20.89
C GLU A 523 -37.93 -43.34 -19.63
N PHE A 524 -36.61 -43.50 -19.65
CA PHE A 524 -35.88 -43.97 -18.47
C PHE A 524 -36.03 -42.98 -17.32
N SER A 525 -35.90 -41.69 -17.62
CA SER A 525 -36.05 -40.63 -16.61
C SER A 525 -37.50 -40.16 -16.59
N LYS A 526 -38.36 -41.02 -16.08
CA LYS A 526 -39.79 -40.73 -15.94
C LYS A 526 -40.19 -40.90 -14.49
N ASP A 527 -41.06 -40.01 -14.02
CA ASP A 527 -41.50 -39.98 -12.62
C ASP A 527 -40.32 -40.16 -11.67
N THR A 528 -39.22 -39.47 -11.99
CA THR A 528 -37.99 -39.55 -11.15
C THR A 528 -37.47 -38.15 -10.83
N ILE A 529 -36.51 -38.05 -9.90
CA ILE A 529 -35.87 -36.75 -9.55
C ILE A 529 -34.48 -36.72 -10.18
N LEU A 530 -34.29 -35.98 -11.26
CA LEU A 530 -33.01 -35.90 -11.95
C LEU A 530 -31.94 -35.39 -11.00
N VAL A 531 -30.74 -35.91 -11.14
CA VAL A 531 -29.65 -35.57 -10.24
C VAL A 531 -28.38 -35.38 -11.05
N ALA A 532 -27.61 -34.34 -10.74
CA ALA A 532 -26.36 -34.11 -11.46
C ALA A 532 -25.43 -33.26 -10.60
N HIS A 533 -24.13 -33.42 -10.86
CA HIS A 533 -23.11 -32.55 -10.29
C HIS A 533 -22.90 -31.38 -11.24
N ASN A 534 -23.09 -30.16 -10.73
CA ASN A 534 -23.27 -28.99 -11.57
C ASN A 534 -24.50 -29.20 -12.46
N ALA A 535 -25.63 -29.46 -11.80
CA ALA A 535 -26.84 -29.84 -12.51
C ALA A 535 -27.28 -28.78 -13.51
N ALA A 536 -26.86 -27.54 -13.34
CA ALA A 536 -27.15 -26.54 -14.36
C ALA A 536 -26.50 -26.90 -15.69
N PHE A 537 -25.23 -27.32 -15.64
CA PHE A 537 -24.51 -27.67 -16.86
C PHE A 537 -25.16 -28.85 -17.57
N ASP A 538 -25.36 -29.95 -16.85
CA ASP A 538 -25.93 -31.15 -17.46
C ASP A 538 -27.36 -30.92 -17.88
N MET A 539 -28.15 -30.23 -17.06
CA MET A 539 -29.54 -29.95 -17.42
C MET A 539 -29.62 -29.08 -18.65
N GLY A 540 -28.75 -28.09 -18.77
CA GLY A 540 -28.74 -27.26 -19.96
C GLY A 540 -28.40 -28.06 -21.20
N PHE A 541 -27.38 -28.93 -21.11
CA PHE A 541 -27.04 -29.77 -22.26
C PHE A 541 -28.22 -30.67 -22.63
N LEU A 542 -28.82 -31.32 -21.63
CA LEU A 542 -29.93 -32.22 -21.90
C LEU A 542 -31.12 -31.49 -22.51
N ASN A 543 -31.43 -30.29 -22.00
CA ASN A 543 -32.58 -29.55 -22.49
C ASN A 543 -32.34 -29.00 -23.88
N THR A 544 -31.12 -28.55 -24.17
CA THR A 544 -30.82 -28.11 -25.54
C THR A 544 -30.92 -29.27 -26.51
N SER A 545 -30.41 -30.44 -26.12
CA SER A 545 -30.56 -31.62 -26.99
C SER A 545 -32.03 -31.97 -27.19
N TYR A 546 -32.82 -31.93 -26.11
CA TYR A 546 -34.25 -32.17 -26.24
C TYR A 546 -34.88 -31.21 -27.25
N ALA A 547 -34.64 -29.91 -27.07
CA ALA A 547 -35.22 -28.91 -27.96
C ALA A 547 -34.74 -29.06 -29.38
N ARG A 548 -33.56 -29.65 -29.59
CA ARG A 548 -33.06 -29.87 -30.94
C ARG A 548 -33.98 -30.79 -31.74
N TYR A 549 -34.78 -31.61 -31.07
CA TYR A 549 -35.73 -32.50 -31.73
C TYR A 549 -37.16 -32.28 -31.26
N GLY A 550 -37.49 -31.07 -30.80
CA GLY A 550 -38.85 -30.74 -30.44
C GLY A 550 -39.40 -31.62 -29.34
N ILE A 551 -38.51 -32.24 -28.59
CA ILE A 551 -38.90 -33.11 -27.48
C ILE A 551 -39.30 -32.23 -26.30
N PRO A 552 -40.20 -32.67 -25.43
CA PRO A 552 -40.58 -31.85 -24.29
C PRO A 552 -39.37 -31.56 -23.41
N GLU A 553 -39.40 -30.41 -22.75
CA GLU A 553 -38.27 -30.00 -21.92
C GLU A 553 -38.01 -30.97 -20.78
N ALA A 554 -38.99 -31.79 -20.42
CA ALA A 554 -38.84 -32.77 -19.34
C ALA A 554 -38.44 -32.06 -18.04
N ALA A 555 -39.39 -31.28 -17.52
CA ALA A 555 -39.16 -30.48 -16.32
C ALA A 555 -39.63 -31.22 -15.07
N ASN A 556 -39.01 -32.36 -14.83
CA ASN A 556 -39.19 -33.01 -13.54
C ASN A 556 -38.24 -32.41 -12.51
N PRO A 557 -38.48 -32.66 -11.23
CA PRO A 557 -37.61 -32.07 -10.21
C PRO A 557 -36.16 -32.45 -10.42
N VAL A 558 -35.26 -31.50 -10.17
CA VAL A 558 -33.84 -31.70 -10.37
C VAL A 558 -33.09 -31.38 -9.10
N ILE A 559 -31.90 -31.95 -8.97
CA ILE A 559 -30.99 -31.69 -7.88
C ILE A 559 -29.59 -31.46 -8.44
N ASP A 560 -28.93 -30.41 -7.97
CA ASP A 560 -27.56 -30.09 -8.35
C ASP A 560 -26.68 -30.46 -7.17
N THR A 561 -25.95 -31.58 -7.29
CA THR A 561 -25.17 -32.06 -6.15
C THR A 561 -24.09 -31.06 -5.74
N LEU A 562 -23.64 -30.23 -6.68
CA LEU A 562 -22.65 -29.21 -6.33
C LEU A 562 -23.21 -28.25 -5.28
N GLU A 563 -24.41 -27.71 -5.53
CA GLU A 563 -25.01 -26.78 -4.59
C GLU A 563 -25.34 -27.47 -3.27
N LEU A 564 -25.83 -28.71 -3.32
CA LEU A 564 -26.15 -29.42 -2.09
C LEU A 564 -24.91 -29.65 -1.25
N ALA A 565 -23.79 -30.02 -1.88
CA ALA A 565 -22.54 -30.18 -1.16
C ALA A 565 -22.08 -28.85 -0.57
N ARG A 566 -22.21 -27.77 -1.34
CA ARG A 566 -21.82 -26.47 -0.83
C ARG A 566 -22.64 -26.08 0.39
N TYR A 567 -23.94 -26.33 0.36
CA TYR A 567 -24.80 -25.96 1.47
C TYR A 567 -24.56 -26.86 2.68
N LEU A 568 -24.31 -28.15 2.46
CA LEU A 568 -24.22 -29.09 3.57
C LEU A 568 -22.84 -29.10 4.21
N TYR A 569 -21.80 -28.85 3.44
CA TYR A 569 -20.42 -28.89 3.93
C TYR A 569 -19.71 -27.60 3.54
N PRO A 570 -20.11 -26.47 4.12
CA PRO A 570 -19.41 -25.22 3.83
C PRO A 570 -17.94 -25.26 4.21
N GLN A 571 -17.55 -26.08 5.18
CA GLN A 571 -16.16 -26.14 5.60
C GLN A 571 -15.25 -26.56 4.47
N PHE A 572 -15.77 -27.32 3.50
CA PHE A 572 -14.96 -27.74 2.36
C PHE A 572 -14.51 -26.52 1.57
N LYS A 573 -13.37 -26.68 0.89
CA LYS A 573 -12.79 -25.59 0.11
C LYS A 573 -13.04 -25.74 -1.39
N ARG A 574 -12.94 -26.96 -1.93
CA ARG A 574 -13.23 -27.23 -3.33
C ARG A 574 -14.30 -28.29 -3.41
N PHE A 575 -15.31 -28.05 -4.25
CA PHE A 575 -16.48 -28.91 -4.31
C PHE A 575 -16.63 -29.63 -5.65
N GLY A 576 -15.55 -29.74 -6.40
CA GLY A 576 -15.57 -30.54 -7.64
C GLY A 576 -15.85 -31.99 -7.32
N LEU A 577 -16.22 -32.80 -8.33
CA LEU A 577 -16.62 -34.21 -8.06
C LEU A 577 -15.43 -35.02 -7.56
N GLY A 578 -14.29 -34.90 -8.21
CA GLY A 578 -13.16 -35.75 -7.77
C GLY A 578 -12.85 -35.44 -6.32
N VAL A 579 -12.71 -34.17 -6.00
CA VAL A 579 -12.34 -33.78 -4.61
C VAL A 579 -13.42 -34.34 -3.69
N LEU A 580 -14.69 -34.10 -4.02
CA LEU A 580 -15.78 -34.53 -3.12
C LEU A 580 -15.78 -36.05 -3.08
N SER A 581 -15.54 -36.69 -4.21
CA SER A 581 -15.61 -38.17 -4.23
C SER A 581 -14.51 -38.67 -3.31
N LYS A 582 -13.33 -38.09 -3.44
CA LYS A 582 -12.21 -38.50 -2.56
C LYS A 582 -12.61 -38.30 -1.11
N LYS A 583 -13.12 -37.11 -0.78
CA LYS A 583 -13.43 -36.83 0.65
C LYS A 583 -14.42 -37.87 1.16
N PHE A 584 -15.40 -38.24 0.36
CA PHE A 584 -16.44 -39.18 0.86
C PHE A 584 -16.06 -40.57 0.40
N GLY A 585 -14.82 -40.74 -0.02
CA GLY A 585 -14.34 -42.09 -0.37
C GLY A 585 -15.15 -42.73 -1.49
N VAL A 586 -15.28 -42.04 -2.61
CA VAL A 586 -15.94 -42.67 -3.79
C VAL A 586 -14.86 -42.80 -4.85
N SER A 587 -14.95 -43.80 -5.73
CA SER A 587 -13.85 -44.04 -6.71
C SER A 587 -14.23 -43.55 -8.10
N LEU A 588 -13.29 -42.90 -8.80
CA LEU A 588 -13.57 -42.46 -10.19
C LEU A 588 -12.25 -42.42 -10.97
N GLU A 589 -12.28 -42.78 -12.25
CA GLU A 589 -11.05 -42.77 -13.10
C GLU A 589 -10.47 -41.35 -13.16
N HIS A 592 -12.36 -39.21 -17.38
CA HIS A 592 -13.72 -38.93 -16.88
C HIS A 592 -14.74 -39.44 -17.89
N ARG A 593 -15.25 -40.65 -17.69
CA ARG A 593 -16.28 -41.18 -18.61
C ARG A 593 -17.64 -40.97 -17.97
N ALA A 594 -18.65 -40.70 -18.77
CA ALA A 594 -19.99 -40.40 -18.23
C ALA A 594 -20.42 -41.51 -17.29
N ILE A 595 -20.24 -42.77 -17.67
CA ILE A 595 -20.75 -43.88 -16.81
C ILE A 595 -20.17 -43.71 -15.40
N TYR A 596 -18.84 -43.63 -15.31
CA TYR A 596 -18.17 -43.45 -14.00
C TYR A 596 -18.71 -42.19 -13.31
N ASP A 597 -18.62 -41.06 -13.99
CA ASP A 597 -19.17 -39.80 -13.41
C ASP A 597 -20.54 -40.12 -12.82
N ALA A 598 -21.42 -40.76 -13.58
CA ALA A 598 -22.79 -40.97 -13.07
C ALA A 598 -22.79 -41.83 -11.81
N GLU A 599 -22.08 -42.96 -11.84
CA GLU A 599 -22.17 -43.85 -10.66
C GLU A 599 -21.57 -43.09 -9.49
N ALA A 600 -20.52 -42.30 -9.73
CA ALA A 600 -19.86 -41.55 -8.63
C ALA A 600 -20.83 -40.56 -8.02
N THR A 601 -21.53 -39.81 -8.85
CA THR A 601 -22.47 -38.80 -8.33
C THR A 601 -23.53 -39.54 -7.53
N GLY A 602 -23.98 -40.68 -8.06
CA GLY A 602 -25.07 -41.40 -7.36
C GLY A 602 -24.61 -41.85 -6.01
N HIS A 603 -23.38 -42.35 -5.92
CA HIS A 603 -22.86 -42.87 -4.63
C HIS A 603 -22.77 -41.71 -3.66
N LEU A 604 -22.59 -40.49 -4.17
CA LEU A 604 -22.56 -39.31 -3.27
C LEU A 604 -23.98 -38.84 -2.99
N ALA A 605 -24.74 -38.57 -4.05
CA ALA A 605 -26.06 -37.99 -3.91
C ALA A 605 -26.88 -38.69 -2.84
N TRP A 606 -26.72 -40.01 -2.72
CA TRP A 606 -27.41 -40.69 -1.62
C TRP A 606 -27.00 -40.10 -0.28
N ILE A 607 -25.68 -39.93 -0.08
CA ILE A 607 -25.17 -39.39 1.18
C ILE A 607 -25.66 -37.96 1.38
N PHE A 608 -25.63 -37.15 0.31
CA PHE A 608 -26.06 -35.76 0.43
C PHE A 608 -27.54 -35.68 0.81
N VAL A 609 -28.38 -36.51 0.19
CA VAL A 609 -29.81 -36.45 0.49
C VAL A 609 -30.07 -36.95 1.91
N LYS A 610 -29.35 -37.98 2.34
CA LYS A 610 -29.49 -38.44 3.71
C LYS A 610 -29.11 -37.34 4.69
N GLU A 611 -28.02 -36.63 4.41
CA GLU A 611 -27.62 -35.52 5.27
C GLU A 611 -28.66 -34.41 5.27
N ALA A 612 -29.22 -34.11 4.10
CA ALA A 612 -30.24 -33.06 4.02
C ALA A 612 -31.48 -33.43 4.82
N MET A 613 -31.86 -34.72 4.79
CA MET A 613 -33.04 -35.15 5.52
C MET A 613 -32.78 -35.22 7.03
N ASP A 614 -31.58 -35.60 7.44
CA ASP A 614 -31.29 -35.82 8.86
C ASP A 614 -30.81 -34.55 9.55
N ASN A 615 -29.66 -34.01 9.11
CA ASN A 615 -29.07 -32.87 9.78
C ASN A 615 -29.94 -31.63 9.69
N HIS A 616 -30.89 -31.59 8.77
CA HIS A 616 -31.79 -30.45 8.60
C HIS A 616 -33.21 -30.97 8.43
N ASN A 617 -34.13 -30.05 8.16
CA ASN A 617 -35.54 -30.37 7.99
C ASN A 617 -35.94 -30.47 6.52
N MET A 618 -35.03 -30.92 5.67
CA MET A 618 -35.28 -30.99 4.22
C MET A 618 -35.63 -32.42 3.85
N LEU A 619 -36.89 -32.79 4.08
CA LEU A 619 -37.37 -34.13 3.74
C LEU A 619 -38.02 -34.19 2.37
N TYR A 620 -38.36 -33.06 1.77
CA TYR A 620 -38.97 -32.99 0.46
C TYR A 620 -38.02 -32.32 -0.52
N HIS A 621 -38.44 -32.27 -1.78
CA HIS A 621 -37.67 -31.55 -2.79
C HIS A 621 -37.75 -30.04 -2.56
N ASP A 622 -38.96 -29.52 -2.32
CA ASP A 622 -39.12 -28.09 -2.14
C ASP A 622 -38.28 -27.59 -0.96
N GLN A 623 -38.31 -28.32 0.15
CA GLN A 623 -37.57 -27.89 1.33
C GLN A 623 -36.08 -27.80 1.05
N LEU A 624 -35.60 -28.44 -0.02
CA LEU A 624 -34.18 -28.36 -0.36
C LEU A 624 -33.75 -26.95 -0.74
N ASN A 625 -34.70 -26.06 -1.02
CA ASN A 625 -34.38 -24.70 -1.43
C ASN A 625 -34.67 -23.65 -0.37
N GLU A 626 -35.19 -24.05 0.79
CA GLU A 626 -35.67 -23.07 1.76
C GLU A 626 -34.53 -22.18 2.28
N HIS A 627 -33.42 -22.79 2.67
CA HIS A 627 -32.27 -22.05 3.21
C HIS A 627 -31.22 -21.96 2.11
N ILE A 628 -31.32 -20.93 1.27
CA ILE A 628 -30.42 -20.73 0.15
C ILE A 628 -29.88 -19.31 0.20
N GLY A 629 -28.59 -19.13 -0.01
CA GLY A 629 -28.07 -17.75 -0.06
C GLY A 629 -28.04 -17.14 1.32
N GLU A 630 -28.00 -17.99 2.35
CA GLU A 630 -27.96 -17.48 3.74
C GLU A 630 -26.61 -17.84 4.34
N GLY A 631 -25.89 -16.84 4.86
CA GLY A 631 -24.63 -17.14 5.56
C GLY A 631 -23.40 -16.88 4.72
N ASP A 632 -22.48 -17.82 4.70
CA ASP A 632 -21.21 -17.63 3.96
C ASP A 632 -21.46 -18.01 2.52
N SER A 633 -22.71 -18.03 2.11
CA SER A 633 -23.00 -18.50 0.74
C SER A 633 -22.10 -17.73 -0.21
N TYR A 634 -21.86 -16.47 0.08
CA TYR A 634 -21.03 -15.63 -0.82
C TYR A 634 -19.66 -16.27 -0.93
N LYS A 635 -19.22 -16.93 0.11
CA LYS A 635 -17.82 -17.43 0.13
C LYS A 635 -17.63 -18.61 -0.82
N ARG A 636 -18.68 -19.35 -1.13
CA ARG A 636 -18.49 -20.57 -1.95
C ARG A 636 -18.93 -20.31 -3.38
N ALA A 637 -19.66 -19.23 -3.60
CA ALA A 637 -20.16 -18.92 -4.92
C ALA A 637 -19.00 -18.54 -5.86
N ARG A 638 -19.24 -18.62 -7.15
CA ARG A 638 -18.21 -18.23 -8.13
C ARG A 638 -18.57 -16.85 -8.63
N PRO A 639 -17.75 -15.83 -8.38
CA PRO A 639 -18.07 -14.45 -8.78
C PRO A 639 -17.99 -14.26 -10.28
N PHE A 640 -18.73 -13.27 -10.76
CA PHE A 640 -18.67 -12.86 -12.16
C PHE A 640 -18.54 -11.34 -12.20
N HIS A 641 -17.98 -10.84 -13.29
CA HIS A 641 -17.68 -9.43 -13.40
C HIS A 641 -18.93 -8.63 -13.75
N VAL A 642 -19.15 -7.55 -13.02
CA VAL A 642 -20.20 -6.59 -13.31
C VAL A 642 -19.57 -5.21 -13.27
N THR A 643 -20.10 -4.29 -14.06
CA THR A 643 -19.64 -2.91 -14.04
C THR A 643 -20.67 -2.06 -13.34
N ILE A 644 -20.24 -1.27 -12.36
CA ILE A 644 -21.12 -0.41 -11.60
C ILE A 644 -20.65 1.02 -11.78
N LEU A 645 -21.52 1.89 -12.27
CA LEU A 645 -21.19 3.29 -12.47
C LEU A 645 -22.10 4.15 -11.61
N ALA A 646 -21.52 5.16 -10.96
CA ALA A 646 -22.31 6.11 -10.20
C ALA A 646 -22.99 7.07 -11.17
N LYS A 647 -24.31 7.22 -11.01
CA LYS A 647 -25.04 8.14 -11.87
C LYS A 647 -25.04 9.56 -11.32
N ASN A 648 -24.95 9.71 -10.00
CA ASN A 648 -24.92 11.01 -9.36
C ASN A 648 -24.18 10.89 -8.04
N GLN A 649 -24.17 11.96 -7.26
CA GLN A 649 -23.42 11.97 -6.02
C GLN A 649 -23.95 10.93 -5.03
N ALA A 650 -25.27 10.82 -4.92
CA ALA A 650 -25.84 9.75 -4.09
C ALA A 650 -25.43 8.39 -4.61
N GLY A 651 -25.36 8.25 -5.94
CA GLY A 651 -24.83 7.03 -6.51
C GLY A 651 -23.41 6.77 -6.09
N LEU A 652 -22.60 7.83 -5.98
CA LEU A 652 -21.23 7.66 -5.53
C LEU A 652 -21.17 7.21 -4.07
N LYS A 653 -22.03 7.76 -3.22
CA LYS A 653 -22.06 7.30 -1.84
C LYS A 653 -22.48 5.83 -1.76
N ASP A 654 -23.45 5.44 -2.58
CA ASP A 654 -23.87 4.04 -2.62
C ASP A 654 -22.75 3.14 -3.14
N LEU A 655 -22.00 3.62 -4.13
CA LEU A 655 -20.85 2.87 -4.64
C LEU A 655 -19.78 2.70 -3.57
N PHE A 656 -19.52 3.75 -2.79
CA PHE A 656 -18.58 3.62 -1.67
C PHE A 656 -19.08 2.60 -0.67
N LYS A 657 -20.37 2.63 -0.35
CA LYS A 657 -20.92 1.64 0.57
C LYS A 657 -20.75 0.22 0.04
N LEU A 658 -21.02 0.03 -1.27
CA LEU A 658 -20.88 -1.28 -1.86
C LEU A 658 -19.44 -1.77 -1.81
N ILE A 659 -18.49 -0.90 -2.15
CA ILE A 659 -17.09 -1.28 -2.11
C ILE A 659 -16.67 -1.61 -0.68
N SER A 660 -17.11 -0.79 0.29
CA SER A 660 -16.75 -1.04 1.68
C SER A 660 -17.31 -2.36 2.17
N MET A 661 -18.54 -2.70 1.78
CA MET A 661 -19.11 -3.97 2.22
C MET A 661 -18.44 -5.15 1.53
N SER A 662 -18.10 -5.00 0.25
CA SER A 662 -17.38 -6.06 -0.45
C SER A 662 -15.99 -6.27 0.14
N ASN A 663 -15.41 -5.23 0.74
CA ASN A 663 -14.11 -5.36 1.39
C ASN A 663 -14.20 -5.85 2.82
N VAL A 664 -15.28 -5.54 3.52
CA VAL A 664 -15.37 -5.76 4.95
C VAL A 664 -16.30 -6.91 5.32
N GLU A 665 -17.36 -7.14 4.56
CA GLU A 665 -18.35 -8.15 4.91
C GLU A 665 -18.38 -9.34 3.97
N TYR A 666 -18.07 -9.15 2.69
CA TYR A 666 -18.22 -10.20 1.69
C TYR A 666 -16.92 -10.43 0.94
N PHE A 667 -15.80 -10.48 1.67
CA PHE A 667 -14.50 -10.69 1.06
C PHE A 667 -14.13 -12.16 1.16
N GLU A 668 -13.83 -12.77 0.00
CA GLU A 668 -13.30 -14.13 -0.06
C GLU A 668 -12.31 -14.17 -1.23
N ARG A 669 -11.05 -13.88 -0.94
CA ARG A 669 -9.98 -13.90 -1.94
C ARG A 669 -10.16 -12.80 -2.97
N VAL A 670 -11.29 -12.10 -2.91
CA VAL A 670 -11.55 -10.90 -3.70
C VAL A 670 -12.70 -10.16 -3.01
N PRO A 671 -12.85 -8.86 -3.24
CA PRO A 671 -14.06 -8.18 -2.75
C PRO A 671 -15.27 -8.66 -3.55
N ARG A 672 -16.26 -9.19 -2.85
CA ARG A 672 -17.45 -9.73 -3.48
C ARG A 672 -18.67 -8.91 -3.09
N ILE A 673 -19.55 -8.69 -4.05
CA ILE A 673 -20.85 -8.07 -3.81
C ILE A 673 -21.92 -9.13 -4.04
N PRO A 674 -22.70 -9.50 -3.03
CA PRO A 674 -23.88 -10.34 -3.28
C PRO A 674 -24.87 -9.58 -4.15
N ARG A 675 -25.50 -10.29 -5.08
CA ARG A 675 -26.38 -9.61 -6.03
C ARG A 675 -27.55 -8.93 -5.34
N SER A 676 -27.98 -9.45 -4.19
CA SER A 676 -29.06 -8.82 -3.46
C SER A 676 -28.66 -7.43 -2.97
N GLN A 677 -27.44 -7.29 -2.48
CA GLN A 677 -26.96 -5.98 -2.05
C GLN A 677 -26.89 -5.01 -3.22
N LEU A 678 -26.48 -5.48 -4.40
CA LEU A 678 -26.37 -4.57 -5.57
C LEU A 678 -27.77 -4.18 -6.02
N LYS A 679 -28.77 -5.02 -5.79
CA LYS A 679 -30.18 -4.72 -6.16
C LYS A 679 -30.76 -3.65 -5.26
N LYS A 680 -30.44 -3.67 -3.97
CA LYS A 680 -30.97 -2.68 -3.03
C LYS A 680 -30.44 -1.30 -3.38
N MET A 681 -29.18 -1.20 -3.79
CA MET A 681 -28.56 0.12 -4.04
C MET A 681 -28.59 0.46 -5.52
N ARG A 682 -29.31 -0.27 -6.33
CA ARG A 682 -29.25 -0.07 -7.80
C ARG A 682 -29.67 1.34 -8.18
N GLU A 683 -30.63 1.96 -7.52
CA GLU A 683 -31.07 3.28 -8.00
C GLU A 683 -29.86 4.18 -7.95
N ASN A 684 -29.70 5.07 -8.92
CA ASN A 684 -28.57 6.01 -8.84
C ASN A 684 -27.30 5.31 -9.33
N LEU A 685 -27.38 4.03 -9.68
CA LEU A 685 -26.24 3.26 -10.21
C LEU A 685 -26.57 2.63 -11.57
N LEU A 686 -25.68 2.63 -12.54
CA LEU A 686 -25.79 1.98 -13.84
C LEU A 686 -25.03 0.67 -13.79
N ILE A 687 -25.72 -0.44 -14.02
CA ILE A 687 -25.08 -1.78 -13.97
C ILE A 687 -24.88 -2.27 -15.40
N GLY A 688 -23.68 -2.70 -15.77
CA GLY A 688 -23.32 -3.18 -17.08
C GLY A 688 -22.75 -4.57 -17.00
N SER A 689 -22.79 -5.31 -18.12
CA SER A 689 -22.38 -6.74 -18.12
C SER A 689 -20.87 -6.98 -18.11
N ALA A 690 -20.05 -5.93 -18.04
CA ALA A 690 -18.57 -6.10 -17.92
C ALA A 690 -17.98 -6.85 -19.12
N CYS A 691 -17.15 -7.88 -18.89
CA CYS A 691 -16.42 -8.57 -20.00
C CYS A 691 -16.87 -10.02 -20.20
N ASP A 692 -16.07 -10.81 -20.94
CA ASP A 692 -16.40 -12.21 -21.18
C ASP A 692 -16.53 -12.99 -19.88
N LYS A 693 -16.00 -12.47 -18.78
CA LYS A 693 -16.21 -13.06 -17.47
C LYS A 693 -17.47 -12.55 -16.78
N GLY A 694 -18.21 -11.67 -17.44
CA GLY A 694 -19.54 -11.34 -16.98
C GLY A 694 -20.53 -12.45 -17.29
N GLU A 695 -21.68 -12.40 -16.63
CA GLU A 695 -22.62 -13.51 -16.72
C GLU A 695 -23.40 -13.51 -18.03
N ILE A 696 -23.58 -12.36 -18.67
CA ILE A 696 -24.34 -12.32 -19.92
C ILE A 696 -23.56 -13.01 -21.03
N PHE A 697 -22.28 -12.69 -21.16
CA PHE A 697 -21.44 -13.36 -22.16
C PHE A 697 -21.28 -14.83 -21.84
N GLU A 698 -21.13 -15.17 -20.56
CA GLU A 698 -21.02 -16.58 -20.18
C GLU A 698 -22.26 -17.36 -20.59
N ALA A 699 -23.44 -16.80 -20.31
CA ALA A 699 -24.67 -17.46 -20.69
C ALA A 699 -24.81 -17.56 -22.20
N MET A 700 -24.45 -16.51 -22.93
CA MET A 700 -24.68 -16.58 -24.39
C MET A 700 -23.70 -17.56 -25.02
N MET A 701 -22.49 -17.66 -24.51
CA MET A 701 -21.52 -18.56 -25.10
C MET A 701 -21.59 -19.98 -24.55
N GLN A 702 -22.33 -20.21 -23.46
CA GLN A 702 -22.37 -21.54 -22.86
C GLN A 702 -23.76 -22.04 -22.51
N LYS A 703 -24.80 -21.21 -22.57
CA LYS A 703 -26.13 -21.63 -22.14
C LYS A 703 -27.25 -21.27 -23.11
N GLY A 704 -27.06 -20.26 -23.93
CA GLY A 704 -28.05 -19.96 -24.98
C GLY A 704 -28.67 -18.58 -24.89
N VAL A 705 -29.33 -18.15 -25.97
CA VAL A 705 -29.92 -16.80 -26.05
C VAL A 705 -31.00 -16.62 -24.98
N GLU A 706 -31.76 -17.64 -24.65
CA GLU A 706 -32.87 -17.40 -23.69
C GLU A 706 -32.31 -17.14 -22.29
N GLU A 707 -31.28 -17.86 -21.87
CA GLU A 707 -30.65 -17.60 -20.59
C GLU A 707 -29.94 -16.25 -20.58
N ALA A 708 -29.32 -15.89 -21.68
CA ALA A 708 -28.72 -14.55 -21.72
C ALA A 708 -29.79 -13.47 -21.70
N ARG A 709 -30.98 -13.71 -22.23
CA ARG A 709 -31.99 -12.62 -22.31
C ARG A 709 -32.67 -12.49 -20.97
N ASN A 710 -32.65 -13.55 -20.20
CA ASN A 710 -33.18 -13.50 -18.84
C ASN A 710 -32.19 -12.85 -17.89
N ARG A 711 -30.91 -13.19 -18.01
CA ARG A 711 -29.90 -12.53 -17.19
C ARG A 711 -29.76 -11.06 -17.53
N ALA A 712 -29.90 -10.73 -18.80
CA ALA A 712 -29.68 -9.34 -19.25
C ALA A 712 -30.82 -8.49 -18.73
N LYS A 713 -31.90 -9.10 -18.35
CA LYS A 713 -32.98 -8.34 -17.75
C LYS A 713 -32.50 -7.52 -16.55
N PHE A 714 -31.46 -7.96 -15.83
CA PHE A 714 -31.01 -7.28 -14.59
C PHE A 714 -30.06 -6.11 -14.85
N TYR A 715 -29.42 -6.07 -16.00
CA TYR A 715 -28.42 -5.04 -16.30
C TYR A 715 -29.09 -3.78 -16.82
N ASP A 716 -28.35 -2.69 -16.97
CA ASP A 716 -28.90 -1.40 -17.42
C ASP A 716 -28.34 -1.16 -18.81
N TYR A 717 -27.14 -1.68 -19.09
CA TYR A 717 -26.57 -1.63 -20.42
C TYR A 717 -25.73 -2.89 -20.63
N ILE A 718 -25.50 -3.23 -21.89
CA ILE A 718 -24.81 -4.45 -22.27
C ILE A 718 -23.50 -4.07 -22.94
N GLU A 719 -22.42 -4.69 -22.51
CA GLU A 719 -21.08 -4.38 -22.99
C GLU A 719 -20.61 -5.43 -23.99
N VAL A 720 -20.16 -4.99 -25.15
CA VAL A 720 -19.54 -5.85 -26.15
C VAL A 720 -18.17 -5.29 -26.47
N MET A 721 -17.15 -6.12 -26.38
CA MET A 721 -15.79 -5.69 -26.70
C MET A 721 -15.36 -6.25 -28.05
N PRO A 722 -14.29 -5.68 -28.62
CA PRO A 722 -13.81 -6.18 -29.91
C PRO A 722 -13.36 -7.63 -29.83
N LYS A 723 -13.39 -8.30 -30.97
CA LYS A 723 -12.98 -9.71 -31.01
C LYS A 723 -11.54 -9.90 -30.55
N ALA A 724 -10.72 -8.85 -30.60
CA ALA A 724 -9.34 -8.97 -30.14
C ALA A 724 -9.29 -9.22 -28.63
N VAL A 725 -10.22 -8.64 -27.88
CA VAL A 725 -10.28 -8.88 -26.45
C VAL A 725 -10.67 -10.33 -26.16
N TYR A 726 -11.52 -10.91 -26.98
CA TYR A 726 -12.05 -12.25 -26.77
C TYR A 726 -11.15 -13.36 -27.28
N ALA A 727 -10.05 -13.03 -27.96
CA ALA A 727 -9.19 -14.06 -28.54
C ALA A 727 -8.77 -15.14 -27.55
N PRO A 728 -8.44 -14.83 -26.30
CA PRO A 728 -8.10 -15.91 -25.36
C PRO A 728 -9.18 -16.96 -25.23
N LEU A 729 -10.45 -16.59 -25.46
CA LEU A 729 -11.52 -17.58 -25.44
C LEU A 729 -11.37 -18.57 -26.57
N ILE A 730 -11.09 -18.08 -27.78
CA ILE A 730 -10.87 -18.97 -28.91
C ILE A 730 -9.64 -19.83 -28.68
N GLU A 731 -8.61 -19.27 -28.04
CA GLU A 731 -7.43 -20.06 -27.73
C GLU A 731 -7.70 -21.13 -26.68
N GLN A 732 -8.62 -20.89 -25.76
CA GLN A 732 -8.94 -21.83 -24.71
C GLN A 732 -10.00 -22.84 -25.11
N GLU A 733 -10.46 -22.82 -26.36
CA GLU A 733 -11.50 -23.69 -26.88
C GLU A 733 -12.88 -23.31 -26.39
N LEU A 734 -13.02 -22.25 -25.58
CA LEU A 734 -14.33 -21.84 -25.11
C LEU A 734 -15.21 -21.40 -26.27
N VAL A 735 -14.63 -20.68 -27.23
CA VAL A 735 -15.28 -20.34 -28.49
C VAL A 735 -14.46 -20.97 -29.60
N LYS A 736 -15.12 -21.71 -30.48
CA LYS A 736 -14.39 -22.54 -31.44
C LYS A 736 -13.63 -21.70 -32.45
N ASN A 737 -14.29 -20.71 -33.05
CA ASN A 737 -13.68 -19.94 -34.12
C ASN A 737 -14.23 -18.51 -34.09
N GLU A 738 -13.73 -17.69 -35.01
CA GLU A 738 -14.16 -16.30 -35.09
C GLU A 738 -15.62 -16.18 -35.50
N HIS A 739 -16.15 -17.15 -36.24
CA HIS A 739 -17.56 -17.12 -36.62
C HIS A 739 -18.46 -17.24 -35.40
N ASP A 740 -18.11 -18.15 -34.48
CA ASP A 740 -18.89 -18.28 -33.25
C ASP A 740 -18.79 -17.01 -32.40
N LEU A 741 -17.61 -16.39 -32.37
CA LEU A 741 -17.45 -15.15 -31.63
C LEU A 741 -18.32 -14.04 -32.20
N GLU A 742 -18.33 -13.91 -33.54
CA GLU A 742 -19.18 -12.92 -34.17
C GLU A 742 -20.65 -13.19 -33.89
N GLU A 743 -21.05 -14.46 -33.93
CA GLU A 743 -22.43 -14.80 -33.61
C GLU A 743 -22.78 -14.42 -32.18
N ILE A 744 -21.88 -14.69 -31.24
CA ILE A 744 -22.14 -14.35 -29.84
C ILE A 744 -22.30 -12.85 -29.67
N ILE A 745 -21.41 -12.08 -30.29
CA ILE A 745 -21.49 -10.62 -30.17
C ILE A 745 -22.79 -10.10 -30.77
N GLN A 746 -23.16 -10.60 -31.96
CA GLN A 746 -24.39 -10.16 -32.59
C GLN A 746 -25.61 -10.55 -31.78
N ASN A 747 -25.57 -11.71 -31.16
CA ASN A 747 -26.77 -12.08 -30.41
C ASN A 747 -26.92 -11.07 -29.28
N LEU A 748 -25.83 -10.72 -28.61
CA LEU A 748 -25.87 -9.81 -27.43
C LEU A 748 -26.39 -8.45 -27.87
N VAL A 749 -26.01 -8.00 -29.04
CA VAL A 749 -26.53 -6.71 -29.56
C VAL A 749 -28.04 -6.81 -29.74
N GLU A 750 -28.52 -7.91 -30.31
CA GLU A 750 -29.98 -8.10 -30.53
C GLU A 750 -30.72 -8.26 -29.21
N ILE A 751 -30.16 -9.03 -28.27
CA ILE A 751 -30.87 -9.26 -26.99
C ILE A 751 -31.07 -7.90 -26.35
N GLY A 752 -30.09 -7.03 -26.45
CA GLY A 752 -30.17 -5.69 -25.84
C GLY A 752 -31.22 -4.82 -26.49
N LYS A 753 -31.30 -4.82 -27.81
CA LYS A 753 -32.34 -4.06 -28.50
C LYS A 753 -33.70 -4.63 -28.11
N SER A 754 -33.79 -5.94 -28.02
CA SER A 754 -35.08 -6.59 -27.68
C SER A 754 -35.54 -6.11 -26.31
N LEU A 755 -34.65 -6.06 -25.32
CA LEU A 755 -35.09 -5.69 -23.97
C LEU A 755 -34.97 -4.18 -23.80
N ASP A 756 -34.62 -3.44 -24.85
CA ASP A 756 -34.62 -1.99 -24.74
C ASP A 756 -33.54 -1.51 -23.76
N LYS A 757 -32.35 -2.07 -23.91
CA LYS A 757 -31.20 -1.71 -23.09
C LYS A 757 -30.12 -1.11 -23.96
N ILE A 758 -29.32 -0.22 -23.37
CA ILE A 758 -28.21 0.38 -24.09
C ILE A 758 -27.13 -0.67 -24.30
N VAL A 759 -26.73 -0.85 -25.55
CA VAL A 759 -25.63 -1.74 -25.91
C VAL A 759 -24.46 -0.86 -26.31
N VAL A 760 -23.32 -1.08 -25.66
CA VAL A 760 -22.15 -0.24 -25.86
C VAL A 760 -20.94 -1.12 -26.10
N ALA A 761 -20.00 -0.60 -26.89
CA ALA A 761 -18.69 -1.22 -27.06
C ALA A 761 -17.75 -0.54 -26.08
N THR A 762 -17.02 -1.33 -25.29
CA THR A 762 -16.27 -0.80 -24.16
C THR A 762 -14.76 -0.84 -24.36
N GLY A 763 -14.19 -2.00 -24.60
CA GLY A 763 -12.77 -2.12 -24.87
C GLY A 763 -11.94 -2.73 -23.75
N ASN A 764 -12.41 -2.67 -22.50
CA ASN A 764 -11.73 -3.34 -21.39
C ASN A 764 -10.28 -2.87 -21.24
N VAL A 765 -10.09 -1.55 -21.32
CA VAL A 765 -8.75 -0.99 -21.39
C VAL A 765 -7.95 -1.35 -20.15
N HIS A 766 -6.74 -1.87 -20.35
CA HIS A 766 -5.81 -2.18 -19.28
C HIS A 766 -4.51 -1.42 -19.38
N TYR A 767 -4.20 -0.82 -20.52
CA TYR A 767 -3.01 0.01 -20.68
C TYR A 767 -3.25 0.94 -21.86
N LEU A 768 -2.36 1.92 -22.00
CA LEU A 768 -2.60 3.02 -22.92
C LEU A 768 -2.32 2.65 -24.38
N ASN A 769 -1.12 2.16 -24.66
CA ASN A 769 -0.69 1.92 -26.03
C ASN A 769 -0.43 0.43 -26.26
N GLU A 770 -0.33 0.07 -27.54
CA GLU A 770 -0.13 -1.33 -27.90
C GLU A 770 1.24 -1.83 -27.50
N GLU A 771 2.22 -0.94 -27.33
CA GLU A 771 3.55 -1.36 -26.94
C GLU A 771 3.67 -1.57 -25.43
N ASP A 772 2.70 -1.10 -24.66
CA ASP A 772 2.71 -1.27 -23.21
C ASP A 772 2.28 -2.65 -22.77
N ALA A 773 1.73 -3.46 -23.68
CA ALA A 773 1.23 -4.78 -23.30
C ALA A 773 2.28 -5.57 -22.53
N ILE A 774 3.54 -5.47 -22.95
CA ILE A 774 4.59 -6.27 -22.33
C ILE A 774 4.59 -6.07 -20.82
N TYR A 775 4.46 -4.82 -20.37
CA TYR A 775 4.47 -4.56 -18.94
C TYR A 775 3.45 -5.44 -18.23
N ARG A 776 2.21 -5.40 -18.70
CA ARG A 776 1.17 -6.23 -18.08
C ARG A 776 1.63 -7.68 -18.04
N LYS A 777 2.11 -8.20 -19.17
CA LYS A 777 2.55 -9.58 -19.21
C LYS A 777 3.54 -9.86 -18.09
N ILE A 778 4.56 -9.00 -17.95
CA ILE A 778 5.56 -9.24 -16.92
C ILE A 778 4.88 -9.35 -15.57
N LEU A 779 4.04 -8.36 -15.23
CA LEU A 779 3.35 -8.41 -13.95
C LEU A 779 2.58 -9.71 -13.81
N ILE A 780 1.82 -10.06 -14.84
CA ILE A 780 1.03 -11.28 -14.74
C ILE A 780 1.94 -12.48 -14.58
N ASN A 781 3.04 -12.51 -15.33
CA ASN A 781 3.95 -13.65 -15.21
C ASN A 781 4.51 -13.76 -13.81
N SER A 782 4.64 -12.63 -13.11
CA SER A 782 5.20 -12.66 -11.77
C SER A 782 4.31 -13.42 -10.80
N MET A 783 3.05 -13.66 -11.14
CA MET A 783 2.12 -14.34 -10.26
C MET A 783 2.13 -15.85 -10.46
N GLY A 784 2.87 -16.37 -11.44
CA GLY A 784 2.96 -17.80 -11.63
C GLY A 784 1.60 -18.42 -11.87
N GLY A 785 1.34 -19.54 -11.19
CA GLY A 785 0.08 -20.24 -11.28
C GLY A 785 -1.05 -19.63 -10.48
N ALA A 786 -0.78 -18.56 -9.72
CA ALA A 786 -1.85 -17.88 -9.01
C ALA A 786 -2.82 -17.21 -9.98
N ASN A 787 -2.30 -16.65 -11.06
CA ASN A 787 -3.13 -15.95 -12.04
C ASN A 787 -3.58 -16.91 -13.11
N PRO A 788 -4.89 -17.11 -13.31
CA PRO A 788 -5.35 -17.96 -14.41
C PRO A 788 -5.00 -17.41 -15.78
N LEU A 789 -4.73 -16.10 -15.89
CA LEU A 789 -4.37 -15.52 -17.17
C LEU A 789 -3.06 -16.06 -17.71
N ASN A 790 -2.22 -16.66 -16.87
CA ASN A 790 -0.95 -17.17 -17.33
C ASN A 790 -1.10 -18.44 -18.16
N ARG A 791 -2.25 -19.10 -18.08
CA ARG A 791 -2.47 -20.31 -18.87
C ARG A 791 -2.52 -20.00 -20.35
N HIS A 792 -3.10 -18.87 -20.72
CA HIS A 792 -3.31 -18.49 -22.11
C HIS A 792 -2.60 -17.17 -22.41
N SER A 793 -2.83 -16.65 -23.60
CA SER A 793 -2.25 -15.39 -24.04
C SER A 793 -3.15 -14.22 -23.65
N LEU A 794 -2.54 -13.11 -23.32
CA LEU A 794 -3.32 -11.95 -22.92
C LEU A 794 -3.92 -11.26 -24.13
N PRO A 795 -5.08 -10.64 -23.99
CA PRO A 795 -5.73 -9.97 -25.11
C PRO A 795 -5.03 -8.65 -25.45
N ASP A 796 -5.61 -7.93 -26.41
CA ASP A 796 -5.15 -6.60 -26.78
C ASP A 796 -6.12 -5.60 -26.17
N VAL A 797 -5.79 -5.13 -24.97
CA VAL A 797 -6.69 -4.30 -24.19
C VAL A 797 -6.11 -2.91 -24.04
N HIS A 798 -5.42 -2.44 -25.09
CA HIS A 798 -4.98 -1.06 -25.12
C HIS A 798 -6.18 -0.13 -25.32
N PHE A 799 -5.91 1.16 -25.32
CA PHE A 799 -6.95 2.18 -25.45
C PHE A 799 -7.18 2.46 -26.93
N ARG A 800 -8.33 2.05 -27.44
CA ARG A 800 -8.64 2.17 -28.85
C ARG A 800 -9.33 3.49 -29.15
N THR A 801 -8.98 4.09 -30.28
CA THR A 801 -9.66 5.30 -30.72
C THR A 801 -11.04 4.97 -31.28
N THR A 802 -11.80 6.02 -31.59
CA THR A 802 -13.13 5.80 -32.15
C THR A 802 -13.07 5.04 -33.46
N ASP A 803 -12.12 5.41 -34.34
CA ASP A 803 -12.00 4.73 -35.62
C ASP A 803 -11.61 3.27 -35.43
N GLU A 804 -10.70 2.99 -34.50
CA GLU A 804 -10.31 1.61 -34.25
C GLU A 804 -11.50 0.79 -33.79
N MET A 805 -12.33 1.35 -32.90
CA MET A 805 -13.49 0.63 -32.40
C MET A 805 -14.52 0.42 -33.50
N LEU A 806 -14.75 1.44 -34.34
CA LEU A 806 -15.67 1.27 -35.45
C LEU A 806 -15.20 0.18 -36.40
N THR A 807 -13.90 0.14 -36.68
CA THR A 807 -13.36 -0.94 -37.51
C THR A 807 -13.53 -2.30 -36.84
N ALA A 808 -13.31 -2.36 -35.53
CA ALA A 808 -13.42 -3.63 -34.81
C ALA A 808 -14.84 -4.15 -34.77
N PHE A 809 -15.84 -3.30 -34.97
CA PHE A 809 -17.24 -3.69 -34.94
C PHE A 809 -17.91 -3.48 -36.29
N HIS A 810 -17.12 -3.53 -37.36
CA HIS A 810 -17.67 -3.35 -38.70
C HIS A 810 -18.47 -4.56 -39.16
N PHE A 811 -18.25 -5.73 -38.55
CA PHE A 811 -19.00 -6.93 -38.92
C PHE A 811 -20.46 -6.87 -38.47
N LEU A 812 -20.83 -5.91 -37.64
CA LEU A 812 -22.22 -5.68 -37.29
C LEU A 812 -22.90 -4.68 -38.22
N GLY A 813 -22.20 -4.19 -39.23
CA GLY A 813 -22.76 -3.14 -40.06
C GLY A 813 -22.37 -1.77 -39.55
N GLU A 814 -22.25 -0.83 -40.50
CA GLU A 814 -21.80 0.50 -40.14
C GLU A 814 -22.77 1.21 -39.22
N GLU A 815 -24.08 1.04 -39.45
CA GLU A 815 -25.06 1.72 -38.62
C GLU A 815 -25.04 1.20 -37.19
N THR A 816 -25.07 -0.13 -37.02
CA THR A 816 -25.06 -0.69 -35.68
C THR A 816 -23.75 -0.41 -34.97
N ALA A 817 -22.63 -0.47 -35.70
CA ALA A 817 -21.34 -0.17 -35.09
C ALA A 817 -21.29 1.28 -34.63
N LYS A 818 -21.71 2.20 -35.49
CA LYS A 818 -21.72 3.61 -35.13
C LYS A 818 -22.66 3.88 -33.97
N GLU A 819 -23.71 3.07 -33.83
CA GLU A 819 -24.63 3.26 -32.72
C GLU A 819 -24.02 2.77 -31.40
N ILE A 820 -23.54 1.53 -31.38
CA ILE A 820 -23.04 0.96 -30.14
C ILE A 820 -21.68 1.54 -29.74
N VAL A 821 -20.97 2.17 -30.66
CA VAL A 821 -19.66 2.72 -30.34
C VAL A 821 -19.76 4.18 -29.91
N VAL A 822 -20.50 4.99 -30.65
CA VAL A 822 -20.54 6.44 -30.44
C VAL A 822 -21.82 6.87 -29.74
N GLU A 823 -22.97 6.52 -30.31
CA GLU A 823 -24.23 7.05 -29.81
C GLU A 823 -24.56 6.51 -28.42
N ASN A 824 -24.46 5.19 -28.23
CA ASN A 824 -24.88 4.60 -26.96
C ASN A 824 -23.91 4.95 -25.83
N THR A 825 -22.61 4.98 -26.13
CA THR A 825 -21.63 5.35 -25.10
C THR A 825 -21.86 6.79 -24.64
N ASN A 826 -22.13 7.69 -25.57
CA ASN A 826 -22.38 9.07 -25.19
C ASN A 826 -23.73 9.23 -24.50
N LYS A 827 -24.70 8.39 -24.84
CA LYS A 827 -25.95 8.37 -24.08
C LYS A 827 -25.69 7.97 -22.63
N ILE A 828 -24.89 6.94 -22.42
CA ILE A 828 -24.55 6.52 -21.06
C ILE A 828 -23.81 7.63 -20.34
N ALA A 829 -22.88 8.29 -21.01
CA ALA A 829 -22.16 9.41 -20.40
C ALA A 829 -23.11 10.52 -20.00
N ASP A 830 -24.07 10.85 -20.88
CA ASP A 830 -25.02 11.92 -20.59
C ASP A 830 -25.97 11.54 -19.46
N ILE A 831 -26.23 10.26 -19.27
CA ILE A 831 -27.08 9.83 -18.16
C ILE A 831 -26.50 10.29 -16.83
N CYS A 832 -25.19 10.20 -16.70
CA CYS A 832 -24.53 10.55 -15.44
C CYS A 832 -24.30 12.05 -15.35
N GLU A 833 -24.61 12.61 -14.19
CA GLU A 833 -24.28 14.00 -13.91
C GLU A 833 -22.87 14.10 -13.33
N GLU A 834 -22.38 15.34 -13.22
CA GLU A 834 -21.03 15.55 -12.71
C GLU A 834 -20.95 15.14 -11.24
N VAL A 835 -19.95 14.32 -10.93
CA VAL A 835 -19.78 13.77 -9.58
C VAL A 835 -18.43 14.24 -9.06
N ILE A 836 -18.37 14.46 -7.75
CA ILE A 836 -17.16 14.89 -7.07
C ILE A 836 -16.78 13.83 -6.03
N PRO A 837 -15.76 13.02 -6.30
CA PRO A 837 -15.39 11.97 -5.35
C PRO A 837 -14.69 12.48 -4.11
N VAL A 838 -14.13 13.68 -4.14
CA VAL A 838 -13.37 14.23 -3.03
C VAL A 838 -13.98 15.55 -2.61
N LYS A 839 -13.98 15.81 -1.31
CA LYS A 839 -14.54 17.04 -0.77
C LYS A 839 -13.60 18.21 -1.03
N ASP A 840 -14.09 19.41 -0.70
CA ASP A 840 -13.35 20.65 -0.96
C ASP A 840 -12.78 21.29 0.29
N GLU A 841 -13.51 21.28 1.40
CA GLU A 841 -13.10 21.91 2.63
C GLU A 841 -12.65 20.85 3.63
N LEU A 842 -12.21 21.32 4.80
CA LEU A 842 -11.83 20.45 5.91
C LEU A 842 -12.99 20.34 6.88
N TYR A 843 -13.34 19.11 7.23
CA TYR A 843 -14.44 18.84 8.16
C TYR A 843 -13.84 18.27 9.44
N THR A 844 -13.66 19.10 10.40
CA THR A 844 -13.10 18.63 11.65
C THR A 844 -14.21 18.19 12.60
N PRO A 845 -13.91 17.30 13.54
CA PRO A 845 -14.91 16.93 14.54
C PRO A 845 -15.25 18.12 15.43
N LYS A 846 -16.44 18.08 16.01
CA LYS A 846 -16.91 19.13 16.89
C LYS A 846 -16.96 18.60 18.32
N ILE A 847 -16.22 19.24 19.21
CA ILE A 847 -16.29 19.00 20.65
C ILE A 847 -16.81 20.28 21.29
N PRO A 848 -17.96 20.23 21.98
CA PRO A 848 -18.49 21.46 22.58
C PRO A 848 -17.52 22.06 23.57
N GLY A 849 -17.45 23.39 23.58
CA GLY A 849 -16.56 24.08 24.49
C GLY A 849 -15.09 23.73 24.29
N SER A 850 -14.63 23.75 23.05
CA SER A 850 -13.24 23.44 22.75
C SER A 850 -12.36 24.69 22.76
N GLU A 851 -12.82 25.77 22.14
CA GLU A 851 -12.05 27.01 22.15
C GLU A 851 -11.89 27.54 23.56
N ASP A 852 -12.99 27.56 24.32
CA ASP A 852 -12.92 28.02 25.71
C ASP A 852 -12.04 27.10 26.54
N GLU A 853 -12.13 25.79 26.31
CA GLU A 853 -11.30 24.87 27.08
C GLU A 853 -9.82 25.09 26.80
N ILE A 854 -9.46 25.27 25.53
CA ILE A 854 -8.06 25.48 25.18
C ILE A 854 -7.56 26.78 25.77
N SER A 855 -8.36 27.84 25.66
CA SER A 855 -7.95 29.12 26.24
C SER A 855 -7.77 29.02 27.75
N GLU A 856 -8.72 28.35 28.42
CA GLU A 856 -8.64 28.22 29.87
C GLU A 856 -7.40 27.42 30.27
N LEU A 857 -7.12 26.32 29.59
CA LEU A 857 -5.93 25.54 29.90
C LEU A 857 -4.68 26.37 29.72
N SER A 858 -4.58 27.05 28.57
CA SER A 858 -3.38 27.84 28.29
C SER A 858 -3.17 28.91 29.34
N TYR A 859 -4.23 29.66 29.67
CA TYR A 859 -4.08 30.75 30.62
C TYR A 859 -3.85 30.25 32.04
N THR A 860 -4.46 29.12 32.42
CA THR A 860 -4.21 28.56 33.73
C THR A 860 -2.75 28.16 33.89
N LYS A 861 -2.20 27.45 32.90
CA LYS A 861 -0.80 27.07 32.97
C LYS A 861 0.11 28.29 32.95
N ALA A 862 -0.21 29.27 32.11
CA ALA A 862 0.60 30.49 32.04
C ALA A 862 0.59 31.23 33.36
N LYS A 863 -0.57 31.33 34.01
CA LYS A 863 -0.63 31.97 35.31
C LYS A 863 0.17 31.20 36.35
N GLN A 864 0.05 29.87 36.35
CA GLN A 864 0.81 29.08 37.31
C GLN A 864 2.31 29.27 37.13
N MET A 865 2.75 29.43 35.89
CA MET A 865 4.18 29.52 35.62
C MET A 865 4.73 30.93 35.70
N TYR A 866 3.89 31.94 35.49
CA TYR A 866 4.35 33.32 35.35
C TYR A 866 3.45 34.30 36.09
N GLY A 867 2.74 33.84 37.12
CA GLY A 867 1.95 34.73 37.94
C GLY A 867 0.74 35.30 37.24
N ASP A 868 -0.28 35.69 38.02
CA ASP A 868 -1.53 36.16 37.44
C ASP A 868 -1.33 37.31 36.46
N PRO A 869 -0.58 38.35 36.78
CA PRO A 869 -0.23 39.32 35.73
C PRO A 869 0.84 38.73 34.84
N LEU A 870 0.45 38.31 33.64
CA LEU A 870 1.42 37.67 32.77
C LEU A 870 2.35 38.70 32.15
N PRO A 871 3.61 38.33 31.91
CA PRO A 871 4.51 39.25 31.22
C PRO A 871 3.93 39.65 29.87
N GLU A 872 4.14 40.90 29.50
CA GLU A 872 3.58 41.39 28.24
C GLU A 872 4.00 40.52 27.07
N ILE A 873 5.21 39.96 27.12
CA ILE A 873 5.64 39.05 26.07
C ILE A 873 4.73 37.84 26.00
N ILE A 874 4.44 37.24 27.15
CA ILE A 874 3.61 36.05 27.20
C ILE A 874 2.17 36.41 26.85
N GLN A 875 1.70 37.58 27.30
CA GLN A 875 0.37 38.03 26.93
C GLN A 875 0.23 38.15 25.42
N LYS A 876 1.18 38.82 24.77
CA LYS A 876 1.11 38.98 23.33
C LYS A 876 1.17 37.64 22.63
N ARG A 877 2.08 36.77 23.05
CA ARG A 877 2.21 35.46 22.41
C ARG A 877 0.92 34.67 22.52
N LEU A 878 0.38 34.55 23.74
CA LEU A 878 -0.84 33.77 23.94
C LEU A 878 -2.00 34.37 23.17
N LYS A 879 -2.14 35.69 23.19
CA LYS A 879 -3.26 36.31 22.50
C LYS A 879 -3.18 36.06 20.99
N LYS A 880 -1.99 36.22 20.40
CA LYS A 880 -1.87 36.01 18.97
C LYS A 880 -2.10 34.54 18.60
N GLU A 881 -1.49 33.62 19.35
CA GLU A 881 -1.67 32.22 19.06
C GLU A 881 -3.13 31.81 19.16
N LEU A 882 -3.80 32.24 20.24
CA LEU A 882 -5.19 31.83 20.45
C LEU A 882 -6.13 32.50 19.47
N ASN A 883 -5.83 33.72 19.03
CA ASN A 883 -6.65 34.35 18.01
C ASN A 883 -6.49 33.63 16.68
N SER A 884 -5.28 33.20 16.35
CA SER A 884 -5.09 32.42 15.14
C SER A 884 -5.81 31.07 15.22
N ILE A 885 -5.73 30.41 16.37
CA ILE A 885 -6.29 29.07 16.51
C ILE A 885 -7.81 29.14 16.58
N ASN A 886 -8.35 29.76 17.63
CA ASN A 886 -9.79 29.82 17.82
C ASN A 886 -10.47 30.57 16.68
N GLY A 887 -9.76 31.52 16.06
CA GLY A 887 -10.35 32.25 14.95
C GLY A 887 -10.60 31.37 13.74
N ASN A 888 -9.72 30.42 13.48
CA ASN A 888 -9.81 29.56 12.31
C ASN A 888 -10.52 28.25 12.58
N GLY A 889 -11.02 28.05 13.79
CA GLY A 889 -11.65 26.79 14.14
C GLY A 889 -10.69 25.61 14.20
N PHE A 890 -9.48 25.84 14.71
CA PHE A 890 -8.49 24.78 14.85
C PHE A 890 -8.36 24.29 16.29
N SER A 891 -9.23 24.75 17.20
CA SER A 891 -9.10 24.39 18.61
C SER A 891 -9.35 22.92 18.86
N VAL A 892 -10.12 22.25 17.99
CA VAL A 892 -10.39 20.83 18.20
C VAL A 892 -9.12 20.01 18.00
N ILE A 893 -8.25 20.42 17.06
CA ILE A 893 -6.98 19.72 16.87
C ILE A 893 -6.15 19.79 18.15
N TYR A 894 -6.02 20.99 18.71
CA TYR A 894 -5.28 21.15 19.95
C TYR A 894 -5.92 20.37 21.08
N LEU A 895 -7.26 20.36 21.15
CA LEU A 895 -7.94 19.65 22.23
C LEU A 895 -7.72 18.14 22.14
N ILE A 896 -7.78 17.59 20.93
CA ILE A 896 -7.55 16.15 20.77
C ILE A 896 -6.11 15.81 21.13
N ALA A 897 -5.16 16.61 20.67
CA ALA A 897 -3.77 16.36 21.04
C ALA A 897 -3.58 16.46 22.55
N GLN A 898 -4.23 17.44 23.17
CA GLN A 898 -4.14 17.61 24.61
C GLN A 898 -4.68 16.39 25.34
N LYS A 899 -5.83 15.88 24.91
CA LYS A 899 -6.41 14.71 25.56
C LYS A 899 -5.52 13.48 25.38
N LEU A 900 -5.01 13.27 24.17
CA LEU A 900 -4.15 12.11 23.94
C LEU A 900 -2.90 12.17 24.79
N VAL A 901 -2.25 13.34 24.84
CA VAL A 901 -1.03 13.47 25.62
C VAL A 901 -1.33 13.39 27.11
N HIS A 902 -2.46 13.94 27.55
CA HIS A 902 -2.84 13.86 28.95
C HIS A 902 -3.06 12.42 29.38
N LYS A 903 -3.78 11.64 28.56
CA LYS A 903 -3.97 10.23 28.89
C LYS A 903 -2.66 9.48 28.86
N SER A 904 -1.78 9.79 27.91
CA SER A 904 -0.48 9.14 27.88
C SER A 904 0.32 9.44 29.15
N ASN A 905 0.28 10.69 29.61
CA ASN A 905 1.01 11.07 30.80
C ASN A 905 0.43 10.42 32.05
N GLU A 906 -0.89 10.28 32.11
CA GLU A 906 -1.50 9.60 33.25
C GLU A 906 -1.00 8.16 33.35
N ASP A 907 -0.91 7.47 32.22
CA ASP A 907 -0.38 6.11 32.20
C ASP A 907 1.12 6.07 32.45
N GLY A 908 1.78 7.23 32.47
CA GLY A 908 3.19 7.28 32.81
C GLY A 908 4.11 7.22 31.61
N TYR A 909 3.72 7.89 30.53
CA TYR A 909 4.51 7.88 29.30
C TYR A 909 4.74 9.31 28.82
N LEU A 910 5.95 9.64 28.43
CA LEU A 910 6.17 10.99 27.88
C LEU A 910 5.86 10.95 26.39
N VAL A 911 5.21 11.97 25.87
CA VAL A 911 4.95 12.01 24.41
C VAL A 911 5.86 13.04 23.80
N GLY A 912 6.69 12.67 22.85
CA GLY A 912 7.52 13.64 22.13
C GLY A 912 6.77 14.13 20.95
N SER A 913 7.40 14.92 20.10
CA SER A 913 6.71 15.52 18.96
C SER A 913 7.61 15.50 17.75
N ARG A 914 7.02 15.55 16.59
CA ARG A 914 7.78 15.66 15.33
C ARG A 914 7.12 16.85 14.66
N GLY A 915 7.85 17.61 13.88
CA GLY A 915 7.34 18.77 13.17
C GLY A 915 7.41 20.05 13.98
N SER A 916 6.40 20.90 13.84
CA SER A 916 6.46 22.26 14.36
C SER A 916 5.45 22.53 15.46
N VAL A 917 4.95 21.50 16.13
CA VAL A 917 4.02 21.76 17.23
C VAL A 917 4.72 22.49 18.37
N GLY A 918 5.99 22.17 18.60
CA GLY A 918 6.75 22.83 19.65
C GLY A 918 6.92 24.32 19.45
N SER A 919 6.62 24.83 18.27
CA SER A 919 6.63 26.26 18.01
C SER A 919 5.46 26.99 18.63
N SER A 920 4.50 26.27 19.17
CA SER A 920 3.28 26.86 19.73
C SER A 920 3.41 26.96 21.25
N PHE A 921 3.23 28.16 21.78
CA PHE A 921 3.21 28.33 23.23
C PHE A 921 1.90 27.84 23.83
N VAL A 922 0.82 27.86 23.05
CA VAL A 922 -0.41 27.22 23.50
C VAL A 922 -0.22 25.71 23.59
N ALA A 923 0.57 25.14 22.70
CA ALA A 923 0.91 23.73 22.80
C ALA A 923 1.76 23.44 24.03
N THR A 924 2.61 24.39 24.44
CA THR A 924 3.39 24.22 25.65
C THR A 924 2.51 24.32 26.90
N MET A 925 1.61 25.29 26.93
CA MET A 925 0.79 25.52 28.12
C MET A 925 -0.31 24.47 28.25
N THR A 926 -0.89 24.06 27.13
CA THR A 926 -1.88 22.98 27.17
C THR A 926 -1.26 21.64 27.51
N GLY A 927 0.06 21.53 27.49
CA GLY A 927 0.75 20.30 27.83
C GLY A 927 1.08 19.40 26.67
N ILE A 928 0.73 19.80 25.45
CA ILE A 928 0.96 18.94 24.28
C ILE A 928 2.46 18.73 24.06
N THR A 929 3.23 19.79 24.14
CA THR A 929 4.65 19.74 23.79
C THR A 929 5.50 20.18 24.98
N GLU A 930 6.71 19.64 25.05
CA GLU A 930 7.69 20.02 26.05
C GLU A 930 8.56 21.18 25.61
N VAL A 931 8.54 21.53 24.32
CA VAL A 931 9.38 22.60 23.79
C VAL A 931 8.76 23.94 24.13
N ASN A 932 9.53 24.80 24.79
CA ASN A 932 9.07 26.15 25.08
C ASN A 932 9.57 27.08 23.99
N PRO A 933 8.70 27.61 23.13
CA PRO A 933 9.17 28.46 22.03
C PRO A 933 9.40 29.90 22.44
N LEU A 934 9.18 30.26 23.69
CA LEU A 934 9.41 31.63 24.12
C LEU A 934 10.89 31.98 24.02
N ALA A 935 11.18 33.28 24.09
CA ALA A 935 12.56 33.72 24.09
C ALA A 935 13.26 33.20 25.34
N PRO A 936 14.58 33.10 25.30
CA PRO A 936 15.30 32.63 26.49
C PRO A 936 14.92 33.44 27.70
N HIS A 937 14.80 32.77 28.85
CA HIS A 937 14.31 33.50 30.01
C HIS A 937 14.50 32.67 31.27
N TYR A 938 14.44 33.37 32.39
CA TYR A 938 14.33 32.78 33.71
C TYR A 938 12.89 32.93 34.20
N TYR A 939 12.44 31.95 34.97
CA TYR A 939 11.22 32.10 35.75
C TYR A 939 11.42 31.38 37.08
N CYS A 940 10.76 31.89 38.11
CA CYS A 940 10.94 31.33 39.44
C CYS A 940 9.86 30.29 39.72
N PRO A 941 10.22 29.05 40.04
CA PRO A 941 9.19 28.06 40.37
C PRO A 941 8.35 28.44 41.58
N GLU A 942 8.88 29.27 42.48
CA GLU A 942 8.18 29.57 43.74
C GLU A 942 7.35 30.83 43.65
N CYS A 943 7.97 31.97 43.37
CA CYS A 943 7.29 33.26 43.45
C CYS A 943 6.80 33.77 42.09
N GLN A 944 7.06 33.04 41.02
CA GLN A 944 6.60 33.36 39.67
C GLN A 944 7.37 34.50 39.02
N TYR A 945 8.50 34.90 39.58
CA TYR A 945 9.31 35.94 38.94
C TYR A 945 9.80 35.45 37.58
N SER A 946 9.92 36.37 36.63
CA SER A 946 10.36 36.02 35.29
C SER A 946 11.18 37.14 34.70
N GLU A 947 12.07 36.77 33.79
CA GLU A 947 12.95 37.73 33.13
C GLU A 947 13.29 37.19 31.75
N PHE A 948 13.01 37.96 30.71
CA PHE A 948 13.16 37.51 29.34
C PHE A 948 14.32 38.22 28.65
N PHE A 949 14.91 37.54 27.68
CA PHE A 949 16.03 38.06 26.90
C PHE A 949 15.65 37.96 25.42
N GLU A 950 14.99 39.00 24.92
CA GLU A 950 14.56 39.05 23.53
C GLU A 950 15.59 39.73 22.64
N ASP A 951 16.81 39.92 23.14
CA ASP A 951 17.85 40.62 22.41
C ASP A 951 18.74 39.71 21.58
N GLY A 952 18.46 38.41 21.57
CA GLY A 952 19.29 37.48 20.80
C GLY A 952 20.65 37.22 21.39
N THR A 953 20.83 37.43 22.69
CA THR A 953 22.12 37.21 23.33
C THR A 953 22.37 35.74 23.65
N TYR A 954 21.31 34.94 23.79
CA TYR A 954 21.43 33.52 24.07
C TYR A 954 20.62 32.74 23.05
N GLY A 955 21.18 31.61 22.59
CA GLY A 955 20.44 30.77 21.67
C GLY A 955 19.25 30.10 22.33
N SER A 956 19.41 29.66 23.58
CA SER A 956 18.35 29.01 24.33
C SER A 956 18.43 29.50 25.77
N GLY A 957 17.31 29.37 26.47
CA GLY A 957 17.33 29.61 27.91
C GLY A 957 18.18 28.61 28.65
N PHE A 958 18.43 27.44 28.06
CA PHE A 958 19.26 26.43 28.70
C PHE A 958 20.72 26.87 28.75
N ASP A 959 21.17 27.63 27.76
CA ASP A 959 22.54 28.12 27.71
C ASP A 959 22.78 29.28 28.66
N MET A 960 21.73 29.88 29.20
CA MET A 960 21.89 30.97 30.14
C MET A 960 22.56 30.48 31.42
N PRO A 961 23.37 31.32 32.05
CA PRO A 961 24.05 30.91 33.29
C PRO A 961 23.06 30.73 34.44
N GLU A 962 23.48 29.92 35.41
CA GLU A 962 22.68 29.72 36.61
C GLU A 962 22.48 31.02 37.36
N LYS A 963 21.29 31.20 37.91
CA LYS A 963 20.94 32.44 38.59
C LYS A 963 19.93 32.13 39.68
N GLN A 964 19.86 33.02 40.67
CA GLN A 964 18.93 32.90 41.78
C GLN A 964 17.93 34.04 41.72
N CYS A 965 16.73 33.78 42.21
CA CYS A 965 15.66 34.74 42.08
C CYS A 965 15.98 36.03 42.82
N PRO A 966 15.86 37.19 42.17
CA PRO A 966 16.00 38.44 42.93
C PRO A 966 14.95 38.60 44.02
N LYS A 967 13.74 38.12 43.78
CA LYS A 967 12.65 38.32 44.74
C LYS A 967 12.76 37.41 45.95
N CYS A 968 13.26 36.19 45.79
CA CYS A 968 13.35 35.24 46.89
C CYS A 968 14.63 34.42 46.70
N GLY A 969 14.81 33.41 47.55
CA GLY A 969 16.02 32.63 47.53
C GLY A 969 16.04 31.43 46.62
N ALA A 970 14.95 31.14 45.92
CA ALA A 970 14.88 29.96 45.07
C ALA A 970 15.68 30.17 43.78
N ARG A 971 16.15 29.05 43.22
CA ARG A 971 16.85 29.11 41.95
C ARG A 971 15.88 29.36 40.81
N LEU A 972 16.40 29.93 39.73
CA LEU A 972 15.60 30.30 38.58
C LEU A 972 15.69 29.21 37.52
N ASN A 973 14.53 28.75 37.04
CA ASN A 973 14.50 27.81 35.94
C ASN A 973 14.62 28.55 34.62
N LYS A 974 15.55 28.13 33.78
CA LYS A 974 15.79 28.77 32.49
C LYS A 974 15.12 27.97 31.38
N ASP A 975 14.39 28.66 30.51
CA ASP A 975 13.66 28.00 29.44
C ASP A 975 13.67 28.90 28.21
N GLY A 976 12.95 28.47 27.18
CA GLY A 976 12.79 29.25 25.97
C GLY A 976 13.82 28.96 24.90
N HIS A 977 13.38 28.74 23.68
CA HIS A 977 14.29 28.44 22.58
C HIS A 977 14.12 29.38 21.39
N ASP A 978 13.27 30.40 21.49
CA ASP A 978 13.13 31.41 20.44
C ASP A 978 12.65 30.78 19.13
N ILE A 979 11.52 30.09 19.20
CA ILE A 979 10.90 29.42 18.06
C ILE A 979 9.61 30.17 17.73
N PRO A 980 9.56 30.92 16.63
CA PRO A 980 8.32 31.62 16.29
C PRO A 980 7.19 30.66 15.97
N PHE A 981 5.97 31.08 16.30
CA PHE A 981 4.81 30.26 15.99
C PHE A 981 4.45 30.31 14.51
N GLU A 982 4.99 31.27 13.77
CA GLU A 982 4.67 31.38 12.35
C GLU A 982 5.12 30.13 11.59
N THR A 983 6.14 29.43 12.09
CA THR A 983 6.56 28.20 11.45
C THR A 983 5.49 27.12 11.53
N PHE A 984 4.64 27.18 12.55
CA PHE A 984 3.61 26.18 12.76
C PHE A 984 2.27 26.60 12.17
N LEU A 985 1.82 27.82 12.46
CA LEU A 985 0.55 28.34 11.97
C LEU A 985 0.72 29.19 10.72
N GLY A 986 1.93 29.29 10.18
CA GLY A 986 2.17 30.13 9.03
C GLY A 986 1.94 31.59 9.36
N PHE A 987 2.39 32.48 8.48
CA PHE A 987 2.08 33.89 8.67
C PHE A 987 0.58 34.10 8.55
N HIS A 988 0.03 34.92 9.45
CA HIS A 988 -1.39 35.18 9.59
C HIS A 988 -2.09 34.07 10.36
N GLY A 989 -1.40 33.00 10.73
CA GLY A 989 -1.98 31.96 11.56
C GLY A 989 -3.07 31.15 10.92
N ASP A 990 -3.28 31.26 9.60
CA ASP A 990 -4.36 30.56 8.94
C ASP A 990 -4.04 29.09 8.66
N LYS A 991 -2.80 28.67 8.82
CA LYS A 991 -2.42 27.31 8.48
C LYS A 991 -3.04 26.32 9.45
N VAL A 992 -3.37 25.14 8.94
CA VAL A 992 -3.94 24.09 9.78
C VAL A 992 -2.85 23.54 10.70
N PRO A 993 -3.04 23.53 12.01
CA PRO A 993 -2.02 22.95 12.89
C PRO A 993 -1.83 21.47 12.58
N ASP A 994 -0.57 21.04 12.65
CA ASP A 994 -0.19 19.65 12.41
C ASP A 994 0.66 19.18 13.59
N ILE A 995 0.12 18.25 14.38
CA ILE A 995 0.73 17.82 15.63
C ILE A 995 1.00 16.33 15.52
N ASP A 996 2.22 15.97 15.15
CA ASP A 996 2.64 14.56 15.08
C ASP A 996 3.26 14.24 16.41
N LEU A 997 2.77 13.23 17.10
CA LEU A 997 3.23 12.97 18.46
C LEU A 997 3.89 11.60 18.50
N ASN A 998 5.10 11.52 19.01
CA ASN A 998 5.81 10.24 19.12
C ASN A 998 5.46 9.66 20.47
N PHE A 999 4.40 8.89 20.53
CA PHE A 999 3.98 8.19 21.77
C PHE A 999 4.87 6.98 21.85
N SER A 1000 4.86 6.28 22.96
CA SER A 1000 5.77 5.13 23.11
C SER A 1000 5.32 4.08 22.16
N GLY A 1001 6.18 3.14 21.85
CA GLY A 1001 5.75 2.02 21.02
C GLY A 1001 4.75 1.13 21.73
N ASP A 1002 4.92 0.97 23.05
CA ASP A 1002 3.98 0.16 23.82
C ASP A 1002 2.61 0.80 23.88
N TYR A 1003 2.55 2.12 24.00
CA TYR A 1003 1.31 2.84 24.26
C TYR A 1003 0.55 3.24 22.99
N GLN A 1004 1.11 3.00 21.81
CA GLN A 1004 0.47 3.48 20.59
C GLN A 1004 -0.92 2.88 20.41
N ALA A 1005 -1.07 1.59 20.68
CA ALA A 1005 -2.38 0.96 20.57
C ALA A 1005 -3.38 1.59 21.53
N GLU A 1006 -2.93 1.93 22.75
CA GLU A 1006 -3.82 2.58 23.70
C GLU A 1006 -4.27 3.93 23.20
N ALA A 1007 -3.36 4.69 22.57
CA ALA A 1007 -3.75 5.99 22.02
C ALA A 1007 -4.75 5.83 20.88
N HIS A 1008 -4.55 4.82 20.03
CA HIS A 1008 -5.51 4.56 18.95
C HIS A 1008 -6.89 4.23 19.52
N ASN A 1009 -6.92 3.32 20.50
CA ASN A 1009 -8.19 2.97 21.13
C ASN A 1009 -8.82 4.16 21.84
N TYR A 1010 -8.00 5.07 22.35
CA TYR A 1010 -8.54 6.26 22.98
C TYR A 1010 -9.16 7.20 21.96
N THR A 1011 -8.59 7.28 20.77
CA THR A 1011 -9.28 8.00 19.70
C THR A 1011 -10.61 7.35 19.40
N LYS A 1012 -10.63 6.02 19.34
CA LYS A 1012 -11.89 5.30 19.13
C LYS A 1012 -12.92 5.68 20.18
N VAL A 1013 -12.50 5.77 21.45
CA VAL A 1013 -13.40 6.16 22.51
C VAL A 1013 -13.85 7.61 22.33
N LEU A 1014 -12.93 8.51 21.99
CA LEU A 1014 -13.25 9.92 21.88
C LEU A 1014 -14.29 10.16 20.79
N PHE A 1015 -14.17 9.49 19.66
CA PHE A 1015 -15.03 9.79 18.52
C PHE A 1015 -15.93 8.63 18.11
N GLY A 1016 -15.83 7.48 18.74
CA GLY A 1016 -16.71 6.38 18.39
C GLY A 1016 -16.06 5.40 17.44
N GLU A 1017 -16.46 4.13 17.56
CA GLU A 1017 -15.86 3.09 16.75
C GLU A 1017 -16.17 3.22 15.27
N ASP A 1018 -17.21 3.98 14.91
CA ASP A 1018 -17.65 4.09 13.53
C ASP A 1018 -17.16 5.34 12.83
N TYR A 1019 -16.32 6.15 13.49
CA TYR A 1019 -15.86 7.40 12.90
C TYR A 1019 -14.35 7.55 12.90
N VAL A 1020 -13.61 6.57 13.40
CA VAL A 1020 -12.15 6.59 13.40
C VAL A 1020 -11.68 5.39 12.58
N TYR A 1021 -10.79 5.64 11.63
CA TYR A 1021 -10.26 4.60 10.77
C TYR A 1021 -8.76 4.75 10.66
N ARG A 1022 -8.04 3.64 10.76
CA ARG A 1022 -6.62 3.68 10.49
C ARG A 1022 -6.39 4.20 9.08
N ALA A 1023 -5.49 5.17 8.93
CA ALA A 1023 -5.19 5.68 7.61
C ALA A 1023 -4.59 4.58 6.75
N GLY A 1024 -5.03 4.51 5.51
CA GLY A 1024 -4.61 3.44 4.60
C GLY A 1024 -3.60 3.95 3.58
N THR A 1025 -2.63 3.08 3.29
CA THR A 1025 -1.62 3.35 2.28
C THR A 1025 -1.72 2.29 1.19
N ILE A 1026 -1.36 2.67 -0.03
CA ILE A 1026 -1.32 1.75 -1.16
C ILE A 1026 0.15 1.51 -1.49
N GLY A 1027 0.61 0.27 -1.33
CA GLY A 1027 1.95 -0.10 -1.69
C GLY A 1027 1.99 -0.61 -3.12
N THR A 1028 2.87 -0.03 -3.92
CA THR A 1028 2.95 -0.33 -5.33
C THR A 1028 4.23 -1.10 -5.63
N VAL A 1029 4.41 -1.44 -6.91
CA VAL A 1029 5.60 -2.10 -7.39
C VAL A 1029 6.69 -1.05 -7.53
N ALA A 1030 7.73 -1.14 -6.70
CA ALA A 1030 8.83 -0.20 -6.75
C ALA A 1030 9.98 -0.80 -7.58
N ASP A 1031 11.11 -0.10 -7.62
CA ASP A 1031 12.18 -0.48 -8.54
C ASP A 1031 12.73 -1.86 -8.24
N LYS A 1032 12.93 -2.19 -6.96
CA LYS A 1032 13.45 -3.50 -6.62
C LYS A 1032 12.50 -4.61 -7.06
N THR A 1033 11.22 -4.48 -6.70
CA THR A 1033 10.24 -5.49 -7.08
C THR A 1033 10.09 -5.57 -8.59
N ALA A 1034 10.06 -4.42 -9.27
CA ALA A 1034 9.91 -4.43 -10.72
C ALA A 1034 11.10 -5.11 -11.39
N TYR A 1035 12.31 -4.82 -10.90
CA TYR A 1035 13.50 -5.47 -11.44
C TYR A 1035 13.44 -6.97 -11.23
N GLY A 1036 13.02 -7.41 -10.04
CA GLY A 1036 12.85 -8.83 -9.80
C GLY A 1036 11.83 -9.46 -10.73
N TYR A 1037 10.73 -8.75 -10.99
CA TYR A 1037 9.71 -9.25 -11.91
C TYR A 1037 10.28 -9.42 -13.31
N VAL A 1038 11.03 -8.43 -13.78
CA VAL A 1038 11.61 -8.51 -15.12
C VAL A 1038 12.60 -9.66 -15.19
N LYS A 1039 13.44 -9.81 -14.15
CA LYS A 1039 14.43 -10.88 -14.16
C LYS A 1039 13.75 -12.26 -14.16
N GLY A 1040 12.72 -12.43 -13.33
CA GLY A 1040 12.00 -13.69 -13.33
C GLY A 1040 11.33 -13.96 -14.66
N TYR A 1041 10.77 -12.92 -15.28
CA TYR A 1041 10.14 -13.10 -16.59
C TYR A 1041 11.16 -13.55 -17.62
N GLU A 1042 12.31 -12.90 -17.65
CA GLU A 1042 13.33 -13.24 -18.64
C GLU A 1042 13.92 -14.62 -18.37
N ARG A 1043 13.94 -15.05 -17.11
CA ARG A 1043 14.39 -16.40 -16.81
C ARG A 1043 13.37 -17.43 -17.27
N ASP A 1044 12.09 -17.21 -16.98
CA ASP A 1044 11.05 -18.15 -17.38
C ASP A 1044 10.96 -18.25 -18.89
N ASN A 1045 11.02 -17.12 -19.59
CA ASN A 1045 10.91 -17.11 -21.04
C ASN A 1045 12.26 -17.26 -21.73
N ASN A 1046 13.34 -17.40 -20.96
CA ASN A 1046 14.65 -17.74 -21.52
C ASN A 1046 15.12 -16.73 -22.56
N LEU A 1047 14.96 -15.45 -22.27
CA LEU A 1047 15.49 -14.39 -23.12
C LEU A 1047 16.77 -13.82 -22.52
N GLN A 1048 17.39 -12.91 -23.25
CA GLN A 1048 18.57 -12.18 -22.78
C GLN A 1048 18.32 -10.70 -23.07
N PHE A 1049 17.80 -9.99 -22.09
CA PHE A 1049 17.51 -8.57 -22.22
C PHE A 1049 18.77 -7.76 -21.99
N ARG A 1050 18.87 -6.63 -22.69
CA ARG A 1050 20.00 -5.71 -22.45
C ARG A 1050 19.67 -4.89 -21.21
N SER A 1051 20.67 -4.56 -20.41
CA SER A 1051 20.45 -3.87 -19.14
C SER A 1051 19.54 -2.67 -19.31
N ALA A 1052 19.70 -1.91 -20.40
CA ALA A 1052 18.82 -0.78 -20.64
C ALA A 1052 17.40 -1.24 -20.93
N GLU A 1053 17.21 -2.31 -21.69
CA GLU A 1053 15.80 -2.74 -21.86
C GLU A 1053 15.32 -3.12 -20.47
N VAL A 1054 16.04 -4.01 -19.82
CA VAL A 1054 15.52 -4.45 -18.54
C VAL A 1054 15.09 -3.25 -17.71
N ASP A 1055 15.80 -2.16 -17.84
CA ASP A 1055 15.50 -0.99 -16.98
C ASP A 1055 14.24 -0.31 -17.51
N ARG A 1056 14.05 -0.33 -18.81
CA ARG A 1056 12.81 0.21 -19.37
C ARG A 1056 11.61 -0.66 -18.99
N LEU A 1057 11.75 -1.97 -19.06
CA LEU A 1057 10.66 -2.86 -18.67
C LEU A 1057 10.33 -2.70 -17.19
N ALA A 1058 11.36 -2.52 -16.36
CA ALA A 1058 11.12 -2.29 -14.94
C ALA A 1058 10.39 -0.98 -14.72
N LYS A 1059 10.75 0.07 -15.47
CA LYS A 1059 10.06 1.35 -15.35
C LYS A 1059 8.59 1.21 -15.74
N GLY A 1060 8.31 0.49 -16.83
CA GLY A 1060 6.94 0.38 -17.29
C GLY A 1060 6.03 -0.30 -16.29
N ALA A 1061 6.56 -1.28 -15.56
CA ALA A 1061 5.78 -2.05 -14.60
C ALA A 1061 5.82 -1.46 -13.20
N THR A 1062 6.49 -0.32 -13.00
CA THR A 1062 6.58 0.30 -11.69
C THR A 1062 5.39 1.22 -11.46
N GLY A 1063 4.97 1.32 -10.20
CA GLY A 1063 3.83 2.12 -9.82
C GLY A 1063 2.51 1.39 -9.82
N VAL A 1064 2.48 0.16 -10.30
CA VAL A 1064 1.25 -0.63 -10.29
C VAL A 1064 0.94 -1.04 -8.86
N LYS A 1065 -0.32 -0.90 -8.47
CA LYS A 1065 -0.72 -1.27 -7.12
C LYS A 1065 -0.36 -2.73 -6.85
N ARG A 1066 0.23 -2.98 -5.69
CA ARG A 1066 0.64 -4.31 -5.31
C ARG A 1066 -0.02 -4.81 -4.03
N THR A 1067 -0.34 -3.91 -3.11
CA THR A 1067 -1.00 -4.29 -1.87
C THR A 1067 -1.51 -3.02 -1.21
N THR A 1068 -2.26 -3.21 -0.13
CA THR A 1068 -2.68 -2.11 0.72
C THR A 1068 -2.22 -2.39 2.14
N GLY A 1069 -1.71 -1.36 2.81
CA GLY A 1069 -1.35 -1.45 4.20
C GLY A 1069 -1.92 -0.28 4.96
N GLN A 1070 -1.42 -0.12 6.18
CA GLN A 1070 -1.88 0.93 7.10
C GLN A 1070 -0.80 1.99 7.19
N HIS A 1071 -1.15 3.21 7.54
CA HIS A 1071 -0.14 4.26 7.79
C HIS A 1071 0.46 3.97 9.16
N PRO A 1072 1.73 4.30 9.48
CA PRO A 1072 2.30 3.91 10.80
C PRO A 1072 1.55 4.43 12.04
N GLY A 1073 1.17 5.71 12.05
CA GLY A 1073 0.52 6.36 13.21
C GLY A 1073 -0.70 7.19 12.83
N GLY A 1074 -1.22 7.03 11.62
CA GLY A 1074 -2.31 7.92 11.16
C GLY A 1074 -3.71 7.40 11.46
N ILE A 1075 -4.48 8.10 12.31
CA ILE A 1075 -5.89 7.72 12.51
C ILE A 1075 -6.69 8.81 11.84
N ILE A 1076 -7.68 8.45 11.04
CA ILE A 1076 -8.49 9.44 10.29
C ILE A 1076 -9.80 9.56 11.04
N VAL A 1077 -10.20 10.78 11.38
CA VAL A 1077 -11.40 10.99 12.23
C VAL A 1077 -12.47 11.64 11.38
N ILE A 1078 -13.66 11.05 11.35
CA ILE A 1078 -14.75 11.58 10.51
C ILE A 1078 -15.70 12.36 11.41
N PRO A 1079 -16.06 13.59 11.07
CA PRO A 1079 -17.03 14.33 11.85
C PRO A 1079 -18.33 13.58 12.13
N ASP A 1080 -18.80 13.53 13.38
CA ASP A 1080 -19.97 12.73 13.73
C ASP A 1080 -21.24 13.16 13.01
N TYR A 1081 -21.25 14.33 12.36
CA TYR A 1081 -22.39 14.75 11.58
C TYR A 1081 -22.33 14.27 10.14
N MET A 1082 -21.29 13.54 9.77
CA MET A 1082 -21.15 12.91 8.47
C MET A 1082 -20.91 11.42 8.67
N ASP A 1083 -20.66 10.72 7.57
CA ASP A 1083 -20.25 9.32 7.61
C ASP A 1083 -19.02 9.14 6.74
N VAL A 1084 -18.31 8.03 6.96
CA VAL A 1084 -17.07 7.81 6.24
C VAL A 1084 -17.31 7.74 4.74
N TYR A 1085 -18.50 7.29 4.33
CA TYR A 1085 -18.79 7.12 2.90
C TYR A 1085 -18.99 8.45 2.19
N ASP A 1086 -19.05 9.56 2.90
CA ASP A 1086 -18.96 10.86 2.24
C ASP A 1086 -17.56 11.17 1.79
N PHE A 1087 -16.56 10.44 2.29
CA PHE A 1087 -15.17 10.73 2.00
C PHE A 1087 -14.46 9.59 1.27
N THR A 1088 -14.64 8.36 1.71
CA THR A 1088 -13.88 7.24 1.16
C THR A 1088 -14.62 5.94 1.48
N PRO A 1089 -14.39 4.90 0.70
CA PRO A 1089 -14.71 3.55 1.16
C PRO A 1089 -13.71 3.11 2.22
N ILE A 1090 -14.06 2.03 2.91
CA ILE A 1090 -13.20 1.48 3.94
C ILE A 1090 -12.84 0.04 3.57
N GLN A 1091 -11.86 -0.50 4.28
CA GLN A 1091 -11.42 -1.86 4.04
C GLN A 1091 -10.60 -2.31 5.23
N TYR A 1092 -10.04 -3.51 5.12
CA TYR A 1092 -9.09 -4.01 6.07
C TYR A 1092 -7.69 -3.95 5.48
N PRO A 1093 -6.70 -3.54 6.27
CA PRO A 1093 -5.33 -3.46 5.73
C PRO A 1093 -4.86 -4.81 5.23
N ALA A 1094 -4.35 -4.83 4.00
CA ALA A 1094 -3.91 -6.06 3.36
C ALA A 1094 -5.05 -7.08 3.22
N ASP A 1095 -6.30 -6.60 3.28
CA ASP A 1095 -7.48 -7.46 3.18
C ASP A 1095 -7.51 -8.52 4.27
N ASP A 1096 -6.92 -8.21 5.42
CA ASP A 1096 -6.91 -9.13 6.56
C ASP A 1096 -8.19 -8.89 7.36
N GLN A 1097 -9.14 -9.82 7.27
CA GLN A 1097 -10.42 -9.65 7.93
C GLN A 1097 -10.32 -9.77 9.45
N ASN A 1098 -9.21 -10.25 9.97
CA ASN A 1098 -8.98 -10.32 11.40
C ASN A 1098 -8.43 -9.03 11.97
N SER A 1099 -8.20 -8.02 11.13
CA SER A 1099 -7.67 -6.75 11.60
C SER A 1099 -8.62 -6.11 12.59
N GLU A 1100 -8.06 -5.57 13.67
CA GLU A 1100 -8.87 -4.90 14.68
C GLU A 1100 -9.35 -3.54 14.22
N TRP A 1101 -8.62 -2.91 13.30
CA TRP A 1101 -8.95 -1.59 12.80
C TRP A 1101 -9.28 -1.68 11.32
N LYS A 1102 -10.17 -0.80 10.87
CA LYS A 1102 -10.43 -0.62 9.44
C LYS A 1102 -9.64 0.58 8.94
N THR A 1103 -9.11 0.45 7.74
CA THR A 1103 -8.40 1.54 7.08
C THR A 1103 -9.28 2.16 6.02
N THR A 1104 -8.93 3.38 5.62
CA THR A 1104 -9.63 4.05 4.54
C THR A 1104 -9.21 3.46 3.20
N HIS A 1105 -10.18 3.28 2.32
CA HIS A 1105 -9.88 2.74 0.99
C HIS A 1105 -9.00 3.69 0.21
N PHE A 1106 -9.29 4.98 0.24
CA PHE A 1106 -8.45 5.96 -0.43
C PHE A 1106 -7.14 6.16 0.31
N ASP A 1107 -6.09 6.46 -0.45
CA ASP A 1107 -4.84 6.88 0.17
C ASP A 1107 -5.07 8.17 0.95
N PHE A 1108 -4.49 8.24 2.16
CA PHE A 1108 -4.79 9.36 3.04
C PHE A 1108 -4.42 10.69 2.41
N HIS A 1109 -3.49 10.71 1.46
CA HIS A 1109 -3.11 11.96 0.82
C HIS A 1109 -4.28 12.62 0.13
N SER A 1110 -5.25 11.83 -0.33
CA SER A 1110 -6.40 12.36 -1.06
C SER A 1110 -7.51 12.87 -0.15
N ILE A 1111 -7.42 12.63 1.16
CA ILE A 1111 -8.52 12.94 2.06
C ILE A 1111 -8.05 13.70 3.28
N HIS A 1112 -6.74 13.75 3.53
CA HIS A 1112 -6.26 14.38 4.74
C HIS A 1112 -6.42 15.90 4.74
N ASP A 1113 -6.73 16.50 3.60
CA ASP A 1113 -7.09 17.90 3.55
C ASP A 1113 -8.55 18.15 3.92
N ASN A 1114 -9.35 17.09 4.02
CA ASN A 1114 -10.77 17.22 4.31
C ASN A 1114 -11.20 16.58 5.62
N VAL A 1115 -10.37 15.71 6.21
CA VAL A 1115 -10.62 15.17 7.54
C VAL A 1115 -9.31 15.19 8.31
N LEU A 1116 -9.42 15.08 9.63
CA LEU A 1116 -8.25 15.09 10.49
C LEU A 1116 -7.51 13.76 10.39
N LYS A 1117 -6.19 13.83 10.19
CA LYS A 1117 -5.31 12.67 10.28
C LYS A 1117 -4.42 12.85 11.50
N LEU A 1118 -4.80 12.20 12.60
CA LEU A 1118 -4.01 12.21 13.82
C LEU A 1118 -2.78 11.31 13.63
N ASP A 1119 -1.60 11.91 13.58
CA ASP A 1119 -0.36 11.14 13.49
C ASP A 1119 0.03 10.75 14.92
N ILE A 1120 -0.42 9.57 15.33
CA ILE A 1120 -0.08 9.04 16.64
C ILE A 1120 0.96 7.95 16.42
N LEU A 1121 2.19 8.40 16.33
CA LEU A 1121 3.27 7.50 15.94
C LEU A 1121 3.90 6.89 17.18
N GLY A 1122 4.70 5.88 16.97
CA GLY A 1122 5.36 5.19 18.06
C GLY A 1122 6.84 5.39 17.94
N HIS A 1123 7.50 5.69 19.04
CA HIS A 1123 8.95 5.92 19.05
C HIS A 1123 9.48 5.19 20.24
N ASP A 1124 10.68 4.68 20.14
CA ASP A 1124 11.35 3.96 21.21
C ASP A 1124 11.84 4.87 22.32
N ASP A 1125 11.95 6.18 22.06
CA ASP A 1125 12.47 7.08 23.10
C ASP A 1125 11.56 7.16 24.31
N PRO A 1126 10.26 7.40 24.16
CA PRO A 1126 9.39 7.38 25.31
C PRO A 1126 9.42 6.03 26.03
N THR A 1127 9.57 4.89 25.34
CA THR A 1127 9.70 3.58 25.97
C THR A 1127 10.97 3.48 26.79
N VAL A 1128 12.09 3.97 26.24
CA VAL A 1128 13.36 3.91 26.96
C VAL A 1128 13.31 4.80 28.19
N ILE A 1129 12.72 5.99 28.07
CA ILE A 1129 12.66 6.89 29.22
C ILE A 1129 11.73 6.33 30.29
N ARG A 1130 10.64 5.68 29.90
CA ARG A 1130 9.77 5.04 30.87
C ARG A 1130 10.49 3.91 31.59
N MET A 1131 11.27 3.11 30.86
CA MET A 1131 12.04 2.05 31.50
C MET A 1131 13.07 2.64 32.46
N LEU A 1132 13.74 3.73 32.05
CA LEU A 1132 14.72 4.36 32.93
C LEU A 1132 14.07 4.90 34.19
N GLN A 1133 12.88 5.49 34.06
CA GLN A 1133 12.16 5.94 35.24
C GLN A 1133 11.77 4.77 36.13
N ASP A 1134 11.37 3.65 35.53
CA ASP A 1134 11.04 2.47 36.32
C ASP A 1134 12.25 1.96 37.09
N LEU A 1135 13.41 1.91 36.43
CA LEU A 1135 14.61 1.34 37.01
C LEU A 1135 15.25 2.23 38.06
N SER A 1136 14.85 3.50 38.15
CA SER A 1136 15.51 4.45 39.03
C SER A 1136 14.57 5.30 39.87
N GLY A 1137 13.27 5.33 39.55
CA GLY A 1137 12.34 6.16 40.27
C GLY A 1137 12.39 7.63 39.91
N ILE A 1138 13.48 8.09 39.30
CA ILE A 1138 13.57 9.49 38.89
C ILE A 1138 12.46 9.81 37.91
N ASP A 1139 11.77 10.91 38.15
CA ASP A 1139 10.75 11.36 37.21
C ASP A 1139 11.41 11.92 35.96
N PRO A 1140 10.98 11.50 34.76
CA PRO A 1140 11.67 11.94 33.55
C PRO A 1140 11.71 13.44 33.39
N GLN A 1141 10.69 14.17 33.84
CA GLN A 1141 10.62 15.60 33.64
C GLN A 1141 11.49 16.39 34.62
N THR A 1142 11.95 15.75 35.70
CA THR A 1142 12.84 16.40 36.65
C THR A 1142 14.31 16.33 36.23
N ILE A 1143 14.61 15.64 35.15
CA ILE A 1143 16.01 15.50 34.70
C ILE A 1143 16.52 16.85 34.21
N PRO A 1144 17.69 17.31 34.66
CA PRO A 1144 18.24 18.57 34.14
C PRO A 1144 18.72 18.39 32.70
N THR A 1145 18.10 19.14 31.80
CA THR A 1145 18.51 19.13 30.40
C THR A 1145 19.56 20.20 30.09
N ASP A 1146 19.96 20.98 31.09
CA ASP A 1146 21.03 21.96 30.94
C ASP A 1146 22.28 21.56 31.70
N ASP A 1147 22.38 20.32 32.13
CA ASP A 1147 23.53 19.88 32.91
C ASP A 1147 24.81 20.02 32.09
N PRO A 1148 25.85 20.67 32.63
CA PRO A 1148 27.10 20.79 31.87
C PRO A 1148 27.83 19.48 31.68
N GLU A 1149 27.82 18.60 32.69
CA GLU A 1149 28.57 17.34 32.57
C GLU A 1149 28.01 16.48 31.45
N VAL A 1150 26.70 16.42 31.32
CA VAL A 1150 26.10 15.63 30.23
C VAL A 1150 26.56 16.16 28.88
N MET A 1151 26.58 17.49 28.71
CA MET A 1151 27.00 18.06 27.45
C MET A 1151 28.42 17.66 27.08
N ARG A 1152 29.25 17.31 28.07
CA ARG A 1152 30.60 16.87 27.76
C ARG A 1152 30.60 15.67 26.82
N ILE A 1153 29.57 14.82 26.89
CA ILE A 1153 29.52 13.65 26.03
C ILE A 1153 29.54 14.04 24.55
N PHE A 1154 29.13 15.26 24.23
CA PHE A 1154 29.14 15.70 22.85
C PHE A 1154 30.50 16.22 22.40
N ALA A 1155 31.46 16.31 23.32
CA ALA A 1155 32.84 16.67 22.97
C ALA A 1155 33.75 15.45 22.88
N GLY A 1156 33.64 14.54 23.82
CA GLY A 1156 34.57 13.40 23.81
C GLY A 1156 34.09 12.28 24.69
N PRO A 1157 34.78 11.14 24.72
CA PRO A 1157 34.30 10.00 25.45
C PRO A 1157 34.77 10.00 26.90
N GLU A 1158 35.54 11.00 27.31
CA GLU A 1158 36.16 11.00 28.67
C GLU A 1158 35.13 11.05 29.79
N VAL A 1159 34.05 11.79 29.65
CA VAL A 1159 33.12 11.93 30.81
C VAL A 1159 32.68 10.51 31.15
N LEU A 1160 32.53 9.69 30.13
CA LEU A 1160 32.13 8.29 30.32
C LEU A 1160 33.20 7.57 31.11
N GLY A 1161 34.48 7.87 30.88
CA GLY A 1161 35.56 7.13 31.56
C GLY A 1161 36.29 6.20 30.62
N VAL A 1162 36.15 6.41 29.32
CA VAL A 1162 36.76 5.52 28.30
C VAL A 1162 37.44 6.42 27.28
N SER A 1163 38.27 5.83 26.42
CA SER A 1163 39.01 6.62 25.39
C SER A 1163 38.34 6.45 24.03
N GLN A 1164 38.81 7.28 23.10
CA GLN A 1164 38.38 7.04 21.72
C GLN A 1164 38.99 5.70 21.36
N GLU A 1165 40.21 5.46 21.81
CA GLU A 1165 40.92 4.22 21.43
C GLU A 1165 40.10 3.01 21.87
N GLN A 1166 39.40 3.11 22.98
CA GLN A 1166 38.71 1.92 23.49
C GLN A 1166 37.29 1.86 22.93
N ILE A 1167 36.63 3.01 22.75
CA ILE A 1167 35.19 2.96 22.34
C ILE A 1167 35.08 3.15 20.85
N TYR A 1168 36.22 3.25 20.18
CA TYR A 1168 36.22 3.45 18.73
C TYR A 1168 35.42 4.68 18.33
N SER A 1169 35.03 5.53 19.27
CA SER A 1169 34.32 6.77 18.87
C SER A 1169 34.91 7.98 19.58
N LYS A 1170 35.09 9.07 18.85
CA LYS A 1170 35.59 10.29 19.50
C LYS A 1170 34.54 10.80 20.48
N THR A 1171 33.27 10.77 20.12
CA THR A 1171 32.19 11.30 20.98
C THR A 1171 31.60 10.20 21.85
N GLY A 1172 31.09 10.53 23.03
CA GLY A 1172 30.46 9.55 23.93
C GLY A 1172 28.98 9.48 23.71
N THR A 1173 28.52 9.88 22.53
CA THR A 1173 27.10 9.86 22.17
C THR A 1173 26.68 8.54 21.53
N LEU A 1174 27.38 7.45 21.81
CA LEU A 1174 26.95 6.15 21.30
C LEU A 1174 25.69 5.71 22.01
N GLY A 1175 24.69 5.30 21.24
CA GLY A 1175 23.42 4.92 21.81
C GLY A 1175 22.52 6.08 22.18
N ILE A 1176 22.94 7.31 21.92
CA ILE A 1176 22.11 8.48 22.13
C ILE A 1176 21.27 8.69 20.88
N PRO A 1177 19.95 8.76 20.99
CA PRO A 1177 19.12 8.89 19.79
C PRO A 1177 19.51 10.12 18.97
N GLU A 1178 19.67 9.91 17.66
CA GLU A 1178 19.96 10.92 16.66
C GLU A 1178 21.38 11.48 16.74
N PHE A 1179 22.22 10.98 17.66
CA PHE A 1179 23.58 11.47 17.78
C PHE A 1179 24.63 10.36 17.78
N GLY A 1180 24.23 9.09 17.84
CA GLY A 1180 25.16 7.99 17.84
C GLY A 1180 25.57 7.50 16.48
N THR A 1181 25.02 8.05 15.41
CA THR A 1181 25.39 7.61 14.07
C THR A 1181 26.77 8.13 13.68
N ARG A 1182 27.43 7.39 12.80
CA ARG A 1182 28.79 7.75 12.41
C ARG A 1182 28.83 9.11 11.72
N PHE A 1183 27.82 9.40 10.91
CA PHE A 1183 27.78 10.72 10.25
C PHE A 1183 27.69 11.79 11.31
N VAL A 1184 26.66 11.70 12.15
CA VAL A 1184 26.46 12.73 13.16
C VAL A 1184 27.64 12.78 14.13
N ARG A 1185 28.23 11.62 14.43
CA ARG A 1185 29.40 11.62 15.30
C ARG A 1185 30.57 12.35 14.66
N GLY A 1186 30.76 12.16 13.35
CA GLY A 1186 31.79 12.91 12.66
C GLY A 1186 31.53 14.40 12.65
N MET A 1187 30.27 14.79 12.44
CA MET A 1187 29.93 16.20 12.51
C MET A 1187 30.20 16.78 13.89
N LEU A 1188 29.84 16.02 14.94
CA LEU A 1188 30.12 16.48 16.31
C LEU A 1188 31.61 16.61 16.56
N GLU A 1189 32.39 15.66 16.05
CA GLU A 1189 33.84 15.74 16.22
C GLU A 1189 34.40 16.96 15.50
N GLU A 1190 33.84 17.30 14.34
CA GLU A 1190 34.33 18.44 13.59
C GLU A 1190 33.80 19.78 14.10
N THR A 1191 32.76 19.78 14.94
CA THR A 1191 32.17 21.01 15.43
C THR A 1191 32.27 21.21 16.94
N HIS A 1192 32.36 20.14 17.72
CA HIS A 1192 32.48 20.23 19.17
C HIS A 1192 31.40 21.13 19.78
N PRO A 1193 30.13 20.76 19.67
CA PRO A 1193 29.07 21.57 20.30
C PRO A 1193 29.20 21.58 21.82
N THR A 1194 28.78 22.70 22.41
CA THR A 1194 28.84 22.85 23.87
C THR A 1194 27.60 23.51 24.45
N THR A 1195 26.55 23.71 23.67
CA THR A 1195 25.34 24.35 24.15
C THR A 1195 24.12 23.71 23.49
N PHE A 1196 22.95 23.94 24.12
CA PHE A 1196 21.71 23.42 23.56
C PHE A 1196 21.44 24.00 22.18
N ALA A 1197 21.75 25.28 21.97
CA ALA A 1197 21.57 25.87 20.65
C ALA A 1197 22.43 25.18 19.62
N GLU A 1198 23.68 24.85 19.99
CA GLU A 1198 24.56 24.15 19.06
C GLU A 1198 24.09 22.72 18.80
N LEU A 1199 23.48 22.08 19.79
CA LEU A 1199 22.90 20.76 19.55
C LEU A 1199 21.72 20.83 18.57
N LEU A 1200 20.87 21.85 18.71
CA LEU A 1200 19.81 22.05 17.73
C LEU A 1200 20.40 22.30 16.34
N GLN A 1201 21.48 23.07 16.28
CA GLN A 1201 22.17 23.29 15.02
C GLN A 1201 22.66 21.98 14.44
N ILE A 1202 23.22 21.11 15.27
CA ILE A 1202 23.72 19.82 14.80
C ILE A 1202 22.58 18.98 14.24
N SER A 1203 21.44 18.97 14.93
CA SER A 1203 20.30 18.22 14.42
C SER A 1203 19.88 18.74 13.04
N GLY A 1204 19.71 20.06 12.92
CA GLY A 1204 19.34 20.63 11.65
C GLY A 1204 20.33 20.32 10.55
N LEU A 1205 21.63 20.39 10.86
CA LEU A 1205 22.66 20.21 9.85
C LEU A 1205 22.77 18.75 9.44
N SER A 1206 22.60 17.82 10.38
CA SER A 1206 22.71 16.40 10.07
C SER A 1206 21.48 15.88 9.34
N HIS A 1207 20.32 16.51 9.53
CA HIS A 1207 19.11 15.99 8.89
C HIS A 1207 18.69 16.79 7.67
N GLY A 1208 19.11 18.03 7.54
CA GLY A 1208 18.76 18.82 6.37
C GLY A 1208 19.44 18.32 5.12
N THR A 1209 19.01 18.87 3.98
CA THR A 1209 19.53 18.51 2.67
C THR A 1209 20.32 19.68 2.11
N ASP A 1210 21.60 19.44 1.86
CA ASP A 1210 22.48 20.48 1.27
C ASP A 1210 22.75 21.55 2.30
N VAL A 1211 22.87 21.17 3.57
CA VAL A 1211 23.04 22.21 4.61
C VAL A 1211 24.43 22.06 5.21
N TRP A 1212 25.04 20.88 5.11
CA TRP A 1212 26.36 20.67 5.76
C TRP A 1212 27.42 20.22 4.78
N LEU A 1213 27.06 19.32 3.87
CA LEU A 1213 28.12 18.74 3.01
C LEU A 1213 28.82 19.84 2.22
N GLY A 1214 28.08 20.71 1.57
CA GLY A 1214 28.77 21.70 0.72
C GLY A 1214 28.46 23.13 1.13
N ASN A 1215 27.68 23.32 2.18
CA ASN A 1215 27.26 24.69 2.54
C ASN A 1215 27.90 25.09 3.85
N ALA A 1216 27.96 24.21 4.84
CA ALA A 1216 28.46 24.69 6.14
C ALA A 1216 29.66 23.92 6.64
N GLU A 1217 29.96 22.76 6.07
CA GLU A 1217 31.16 22.11 6.63
C GLU A 1217 32.30 23.06 6.36
N GLU A 1218 32.34 23.59 5.15
CA GLU A 1218 33.43 24.50 4.75
C GLU A 1218 33.37 25.79 5.56
N LEU A 1219 32.20 26.41 5.63
CA LEU A 1219 32.17 27.73 6.30
C LEU A 1219 32.75 27.53 7.69
N ILE A 1220 32.42 26.44 8.35
CA ILE A 1220 32.90 26.27 9.75
C ILE A 1220 34.40 25.99 9.72
N ARG A 1221 34.85 25.15 8.78
CA ARG A 1221 36.27 24.73 8.76
C ARG A 1221 37.15 25.96 8.50
N ARG A 1222 36.65 26.92 7.76
CA ARG A 1222 37.44 28.07 7.35
C ARG A 1222 37.21 29.30 8.22
N GLY A 1223 36.39 29.19 9.26
CA GLY A 1223 36.18 30.31 10.15
C GLY A 1223 35.28 31.40 9.62
N ASP A 1224 34.64 31.19 8.47
CA ASP A 1224 33.70 32.18 7.96
C ASP A 1224 32.54 32.38 8.94
N ALA A 1225 32.03 31.28 9.48
CA ALA A 1225 30.99 31.32 10.50
C ALA A 1225 31.22 30.20 11.50
N THR A 1226 30.80 30.44 12.73
CA THR A 1226 30.84 29.40 13.75
C THR A 1226 29.64 28.47 13.60
N LEU A 1227 29.68 27.35 14.33
CA LEU A 1227 28.56 26.43 14.30
C LEU A 1227 27.27 27.12 14.68
N ALA A 1228 27.31 28.01 15.67
CA ALA A 1228 26.12 28.70 16.12
C ALA A 1228 25.60 29.71 15.10
N GLU A 1229 26.37 30.04 14.06
CA GLU A 1229 25.96 31.06 13.11
C GLU A 1229 25.38 30.49 11.82
N VAL A 1230 25.80 29.30 11.40
CA VAL A 1230 25.34 28.75 10.14
C VAL A 1230 23.85 28.46 10.21
N ILE A 1231 23.26 28.23 9.03
CA ILE A 1231 21.83 27.96 8.92
C ILE A 1231 21.59 26.48 9.21
N GLY A 1232 21.07 26.17 10.39
CA GLY A 1232 20.75 24.80 10.75
C GLY A 1232 19.30 24.43 10.53
N CYS A 1233 18.38 25.21 11.09
CA CYS A 1233 16.96 24.95 11.02
C CYS A 1233 16.25 26.11 10.34
N ARG A 1234 15.06 25.84 9.81
CA ARG A 1234 14.36 26.84 9.03
C ARG A 1234 13.92 28.02 9.87
N ASP A 1235 13.58 27.81 11.14
CA ASP A 1235 13.20 28.92 12.01
C ASP A 1235 14.37 29.86 12.24
N ASP A 1236 15.60 29.34 12.18
CA ASP A 1236 16.77 30.18 12.42
C ASP A 1236 16.89 31.27 11.38
N ILE A 1237 16.51 30.99 10.13
CA ILE A 1237 16.59 32.00 9.08
C ILE A 1237 15.71 33.19 9.44
N MET A 1238 14.44 32.92 9.80
CA MET A 1238 13.55 34.00 10.17
C MET A 1238 14.04 34.72 11.42
N VAL A 1239 14.51 33.98 12.41
CA VAL A 1239 14.97 34.61 13.65
C VAL A 1239 16.14 35.56 13.36
N TYR A 1240 17.10 35.08 12.57
CA TYR A 1240 18.28 35.87 12.25
C TYR A 1240 17.92 37.10 11.43
N LEU A 1241 17.06 36.94 10.42
CA LEU A 1241 16.70 38.09 9.60
C LEU A 1241 15.91 39.12 10.41
N ILE A 1242 15.02 38.67 11.30
CA ILE A 1242 14.28 39.60 12.14
C ILE A 1242 15.22 40.33 13.08
N HIS A 1243 16.18 39.61 13.68
CA HIS A 1243 17.14 40.28 14.55
C HIS A 1243 17.92 41.35 13.80
N ALA A 1244 18.11 41.17 12.50
CA ALA A 1244 18.66 42.20 11.65
C ALA A 1244 17.55 43.19 11.30
N GLY A 1245 17.79 44.06 10.32
CA GLY A 1245 16.81 45.07 10.01
C GLY A 1245 15.59 44.61 9.26
N LEU A 1246 15.57 43.35 8.81
CA LEU A 1246 14.48 42.87 7.99
C LEU A 1246 13.18 42.79 8.78
N ASP A 1247 12.06 42.87 8.06
CA ASP A 1247 10.75 42.82 8.67
C ASP A 1247 10.24 41.39 8.74
N SER A 1248 9.16 41.20 9.51
CA SER A 1248 8.64 39.85 9.72
C SER A 1248 8.18 39.21 8.42
N GLY A 1249 7.46 39.97 7.59
CA GLY A 1249 6.98 39.40 6.34
C GLY A 1249 8.11 39.03 5.40
N MET A 1250 9.07 39.94 5.23
CA MET A 1250 10.18 39.66 4.34
C MET A 1250 10.99 38.47 4.84
N ALA A 1251 11.26 38.43 6.14
CA ALA A 1251 12.03 37.32 6.70
C ALA A 1251 11.30 36.00 6.54
N PHE A 1252 9.98 36.00 6.78
CA PHE A 1252 9.22 34.77 6.59
C PHE A 1252 9.25 34.31 5.14
N LYS A 1253 9.11 35.24 4.20
CA LYS A 1253 9.12 34.86 2.80
C LYS A 1253 10.48 34.31 2.39
N ILE A 1254 11.55 34.94 2.86
CA ILE A 1254 12.89 34.44 2.55
C ILE A 1254 13.09 33.04 3.13
N MET A 1255 12.67 32.84 4.38
CA MET A 1255 12.85 31.54 5.00
C MET A 1255 12.05 30.46 4.27
N GLU A 1256 10.83 30.79 3.84
CA GLU A 1256 10.04 29.82 3.10
C GLU A 1256 10.70 29.49 1.76
N THR A 1257 11.21 30.50 1.06
CA THR A 1257 11.86 30.22 -0.21
C THR A 1257 13.10 29.35 -0.03
N VAL A 1258 13.89 29.64 1.00
CA VAL A 1258 15.13 28.89 1.21
C VAL A 1258 14.83 27.45 1.65
N ARG A 1259 13.91 27.30 2.61
CA ARG A 1259 13.63 25.96 3.13
C ARG A 1259 13.05 25.04 2.05
N LYS A 1260 12.36 25.61 1.07
CA LYS A 1260 11.83 24.83 -0.05
C LYS A 1260 12.84 24.70 -1.18
N GLY A 1261 14.04 25.24 -1.04
CA GLY A 1261 15.02 25.18 -2.10
C GLY A 1261 14.60 25.90 -3.35
N GLN A 1262 13.84 26.99 -3.21
CA GLN A 1262 13.36 27.76 -4.34
C GLN A 1262 14.18 29.03 -4.59
N TRP A 1263 15.29 29.20 -3.87
CA TRP A 1263 16.10 30.39 -4.07
C TRP A 1263 16.43 30.60 -5.54
N ASN A 1264 16.87 29.53 -6.21
CA ASN A 1264 17.11 29.61 -7.65
C ASN A 1264 15.82 29.53 -8.45
N LYS A 1265 14.82 28.80 -7.95
CA LYS A 1265 13.60 28.61 -8.72
C LYS A 1265 12.71 29.84 -8.75
N ILE A 1266 12.87 30.77 -7.81
CA ILE A 1266 12.06 31.98 -7.77
C ILE A 1266 12.50 32.91 -8.90
N PRO A 1267 11.61 33.76 -9.40
CA PRO A 1267 11.98 34.67 -10.48
C PRO A 1267 13.13 35.59 -10.08
N ASP A 1268 13.62 36.34 -11.07
CA ASP A 1268 14.72 37.26 -10.81
C ASP A 1268 14.26 38.43 -9.94
N GLU A 1269 13.03 38.89 -10.14
CA GLU A 1269 12.55 40.04 -9.37
C GLU A 1269 12.48 39.72 -7.89
N LEU A 1270 11.91 38.57 -7.54
CA LEU A 1270 11.81 38.18 -6.13
C LEU A 1270 13.20 37.99 -5.52
N ARG A 1271 14.02 37.24 -6.24
CA ARG A 1271 15.36 36.98 -5.66
C ARG A 1271 15.93 38.37 -5.44
N GLU A 1272 15.68 39.26 -6.38
CA GLU A 1272 16.29 40.59 -6.26
C GLU A 1272 15.81 41.29 -5.01
N THR A 1273 14.51 41.28 -4.75
CA THR A 1273 14.01 42.05 -3.60
C THR A 1273 14.64 41.49 -2.34
N TYR A 1274 14.68 40.16 -2.24
CA TYR A 1274 15.19 39.53 -1.00
C TYR A 1274 16.66 39.91 -0.83
N LEU A 1275 17.43 39.84 -1.91
CA LEU A 1275 18.88 40.11 -1.79
C LEU A 1275 19.06 41.56 -1.37
N SER A 1276 18.26 42.44 -1.96
CA SER A 1276 18.42 43.88 -1.67
C SER A 1276 18.14 44.10 -0.19
N ALA A 1277 17.09 43.47 0.32
CA ALA A 1277 16.73 43.72 1.72
C ALA A 1277 17.82 43.14 2.60
N MET A 1278 18.28 41.93 2.28
CA MET A 1278 19.28 41.39 3.20
C MET A 1278 20.54 42.25 3.23
N LYS A 1279 21.07 42.60 2.06
CA LYS A 1279 22.30 43.38 2.01
C LYS A 1279 22.11 44.77 2.61
N GLU A 1280 20.91 45.34 2.50
CA GLU A 1280 20.67 46.65 3.08
C GLU A 1280 20.77 46.61 4.60
N ASN A 1281 20.60 45.45 5.21
CA ASN A 1281 20.58 45.31 6.66
C ASN A 1281 21.85 44.68 7.22
N ASN A 1282 22.92 44.62 6.42
CA ASN A 1282 24.20 44.09 6.88
C ASN A 1282 24.18 42.57 7.07
N VAL A 1283 23.47 41.88 6.19
CA VAL A 1283 23.46 40.42 6.19
C VAL A 1283 24.67 39.94 5.39
N PRO A 1284 25.60 39.20 6.01
CA PRO A 1284 26.85 38.85 5.33
C PRO A 1284 26.66 38.21 3.96
N ASP A 1285 27.75 38.15 3.18
CA ASP A 1285 27.68 37.50 1.88
C ASP A 1285 27.65 35.98 2.02
N TRP A 1286 28.38 35.44 2.99
CA TRP A 1286 28.37 33.99 3.19
C TRP A 1286 26.99 33.49 3.60
N TYR A 1287 26.23 34.32 4.32
CA TYR A 1287 24.88 33.92 4.68
C TYR A 1287 23.99 33.79 3.44
N ILE A 1288 24.17 34.62 2.43
CA ILE A 1288 23.24 34.51 1.28
C ILE A 1288 23.72 33.35 0.40
N ASP A 1289 25.02 33.13 0.39
CA ASP A 1289 25.58 32.03 -0.40
C ASP A 1289 25.04 30.72 0.16
N SER A 1290 24.96 30.64 1.49
CA SER A 1290 24.45 29.41 2.13
C SER A 1290 23.00 29.24 1.71
N CYS A 1291 22.22 30.30 1.78
CA CYS A 1291 20.79 30.17 1.46
C CYS A 1291 20.71 29.60 0.06
N SER A 1292 21.62 29.97 -0.80
CA SER A 1292 21.48 29.56 -2.22
C SER A 1292 21.64 28.05 -2.38
N LYS A 1293 22.35 27.39 -1.47
CA LYS A 1293 22.64 25.97 -1.71
C LYS A 1293 21.74 25.04 -0.90
N ILE A 1294 20.72 25.55 -0.23
CA ILE A 1294 19.93 24.68 0.69
C ILE A 1294 18.72 24.09 -0.03
N LYS A 1295 18.62 22.77 -0.08
CA LYS A 1295 17.49 22.07 -0.67
C LYS A 1295 16.35 21.87 0.33
N TYR A 1296 16.65 21.33 1.51
CA TYR A 1296 15.61 21.05 2.49
C TYR A 1296 16.12 21.37 3.89
N MET A 1297 15.29 22.03 4.68
CA MET A 1297 15.62 22.40 6.05
C MET A 1297 14.51 21.92 6.99
N PHE A 1298 14.88 21.62 8.22
CA PHE A 1298 13.95 21.07 9.18
C PHE A 1298 13.59 22.08 10.26
N PRO A 1299 12.42 21.95 10.88
CA PRO A 1299 11.99 22.91 11.89
C PRO A 1299 12.86 22.88 13.14
N LYS A 1300 12.88 24.01 13.84
CA LYS A 1300 13.60 24.10 15.10
C LYS A 1300 12.91 23.35 16.22
N ALA A 1301 11.57 23.33 16.23
CA ALA A 1301 10.85 22.61 17.27
C ALA A 1301 11.10 21.11 17.19
N HIS A 1302 11.16 20.57 15.97
CA HIS A 1302 11.48 19.17 15.77
C HIS A 1302 12.83 18.83 16.41
N ALA A 1303 13.85 19.63 16.10
CA ALA A 1303 15.17 19.41 16.67
C ALA A 1303 15.16 19.58 18.17
N ALA A 1304 14.41 20.56 18.68
CA ALA A 1304 14.37 20.79 20.12
C ALA A 1304 13.78 19.59 20.84
N ALA A 1305 12.69 19.03 20.32
CA ALA A 1305 12.08 17.87 20.95
C ALA A 1305 13.03 16.67 20.92
N TYR A 1306 13.71 16.46 19.81
CA TYR A 1306 14.58 15.27 19.69
C TYR A 1306 15.82 15.47 20.54
N VAL A 1307 16.30 16.70 20.66
CA VAL A 1307 17.46 16.96 21.50
C VAL A 1307 17.09 16.84 22.97
N LEU A 1308 15.88 17.25 23.35
CA LEU A 1308 15.44 17.09 24.72
C LEU A 1308 15.39 15.61 25.10
N MET A 1309 14.82 14.79 24.22
CA MET A 1309 14.80 13.35 24.49
C MET A 1309 16.22 12.80 24.59
N ALA A 1310 17.10 13.20 23.67
CA ALA A 1310 18.47 12.71 23.68
C ALA A 1310 19.20 13.11 24.94
N LEU A 1311 19.00 14.35 25.41
CA LEU A 1311 19.65 14.80 26.64
C LEU A 1311 19.11 14.04 27.85
N ARG A 1312 17.81 13.77 27.86
CA ARG A 1312 17.25 13.01 28.97
C ARG A 1312 17.83 11.60 29.03
N VAL A 1313 18.04 10.97 27.87
CA VAL A 1313 18.67 9.65 27.85
C VAL A 1313 20.14 9.75 28.22
N ALA A 1314 20.83 10.79 27.74
CA ALA A 1314 22.26 10.94 28.02
C ALA A 1314 22.53 11.20 29.48
N TYR A 1315 21.61 11.87 30.17
CA TYR A 1315 21.75 12.05 31.60
C TYR A 1315 21.93 10.70 32.30
N PHE A 1316 21.05 9.75 31.99
CA PHE A 1316 21.16 8.41 32.57
C PHE A 1316 22.41 7.70 32.07
N LYS A 1317 22.76 7.89 30.80
CA LYS A 1317 23.98 7.27 30.30
C LYS A 1317 25.20 7.70 31.10
N VAL A 1318 25.23 8.95 31.53
CA VAL A 1318 26.39 9.49 32.23
C VAL A 1318 26.35 9.18 33.72
N TYR A 1319 25.21 9.39 34.37
CA TYR A 1319 25.14 9.24 35.81
C TYR A 1319 24.66 7.86 36.26
N PHE A 1320 23.90 7.16 35.44
CA PHE A 1320 23.41 5.82 35.76
C PHE A 1320 23.74 4.89 34.60
N PRO A 1321 25.03 4.62 34.37
CA PRO A 1321 25.39 3.84 33.18
C PRO A 1321 24.73 2.49 33.11
N ILE A 1322 24.62 1.77 34.23
CA ILE A 1322 24.02 0.44 34.21
C ILE A 1322 22.56 0.53 33.80
N LEU A 1323 21.83 1.48 34.37
CA LEU A 1323 20.42 1.65 34.02
C LEU A 1323 20.26 2.01 32.55
N TYR A 1324 21.10 2.92 32.06
CA TYR A 1324 21.00 3.33 30.67
C TYR A 1324 21.26 2.16 29.73
N TYR A 1325 22.31 1.38 30.00
CA TYR A 1325 22.63 0.26 29.12
C TYR A 1325 21.54 -0.80 29.19
N CYS A 1326 21.02 -1.08 30.39
CA CYS A 1326 19.92 -2.04 30.51
C CYS A 1326 18.72 -1.59 29.69
N ALA A 1327 18.34 -0.32 29.81
CA ALA A 1327 17.20 0.18 29.06
C ALA A 1327 17.45 0.12 27.55
N TYR A 1328 18.65 0.51 27.13
CA TYR A 1328 18.95 0.50 25.70
C TYR A 1328 18.86 -0.89 25.12
N PHE A 1329 19.50 -1.86 25.77
CA PHE A 1329 19.46 -3.22 25.25
C PHE A 1329 18.06 -3.81 25.31
N SER A 1330 17.32 -3.55 26.40
CA SER A 1330 15.99 -4.09 26.53
C SER A 1330 15.04 -3.54 25.48
N VAL A 1331 15.13 -2.25 25.18
CA VAL A 1331 14.18 -1.59 24.29
C VAL A 1331 14.68 -1.53 22.86
N ARG A 1332 15.92 -1.08 22.66
CA ARG A 1332 16.38 -0.73 21.32
C ARG A 1332 17.14 -1.83 20.61
N ALA A 1333 17.80 -2.73 21.34
CA ALA A 1333 18.61 -3.77 20.72
C ALA A 1333 17.79 -5.04 20.58
N ASP A 1334 17.80 -5.63 19.39
CA ASP A 1334 17.02 -6.83 19.10
C ASP A 1334 17.85 -8.01 18.63
N ASP A 1335 19.01 -7.78 18.03
CA ASP A 1335 19.85 -8.86 17.50
C ASP A 1335 21.17 -8.86 18.26
N PHE A 1336 21.31 -9.81 19.19
CA PHE A 1336 22.51 -9.95 20.00
C PHE A 1336 23.24 -11.25 19.65
N ASP A 1337 24.55 -11.16 19.47
CA ASP A 1337 25.36 -12.37 19.49
C ASP A 1337 25.32 -13.00 20.87
N LEU A 1338 25.62 -12.22 21.91
CA LEU A 1338 25.54 -12.63 23.30
C LEU A 1338 26.64 -13.59 23.68
N VAL A 1339 27.34 -14.15 22.70
CA VAL A 1339 28.45 -15.05 22.98
C VAL A 1339 29.75 -14.27 23.14
N SER A 1340 30.08 -13.44 22.14
CA SER A 1340 31.17 -12.50 22.32
C SER A 1340 30.84 -11.50 23.43
N MET A 1341 29.57 -11.10 23.53
CA MET A 1341 29.16 -10.20 24.59
C MET A 1341 29.40 -10.82 25.95
N CYS A 1342 29.01 -12.09 26.12
CA CYS A 1342 29.22 -12.75 27.40
C CYS A 1342 30.68 -13.06 27.65
N LYS A 1343 31.47 -13.23 26.59
CA LYS A 1343 32.89 -13.50 26.77
C LYS A 1343 33.61 -12.31 27.37
N GLY A 1344 33.42 -11.13 26.81
CA GLY A 1344 34.08 -9.95 27.30
C GLY A 1344 34.41 -9.00 26.15
N LYS A 1345 35.30 -8.06 26.43
CA LYS A 1345 35.58 -7.01 25.46
C LYS A 1345 36.27 -7.54 24.23
N ASP A 1346 37.15 -8.53 24.38
CA ASP A 1346 37.93 -9.01 23.24
C ASP A 1346 37.05 -9.65 22.18
N ALA A 1347 36.11 -10.49 22.59
CA ALA A 1347 35.22 -11.12 21.62
C ALA A 1347 34.32 -10.09 20.93
N VAL A 1348 33.83 -9.11 21.69
CA VAL A 1348 33.02 -8.05 21.09
C VAL A 1348 33.84 -7.30 20.05
N LYS A 1349 35.11 -7.08 20.36
CA LYS A 1349 35.96 -6.29 19.44
C LYS A 1349 36.21 -7.11 18.19
N GLN A 1350 36.41 -8.41 18.37
CA GLN A 1350 36.62 -9.28 17.22
C GLN A 1350 35.41 -9.30 16.31
N ALA A 1351 34.21 -9.40 16.90
CA ALA A 1351 32.99 -9.37 16.09
C ALA A 1351 32.84 -8.03 15.37
N MET A 1352 33.14 -6.93 16.06
CA MET A 1352 33.08 -5.62 15.43
C MET A 1352 34.05 -5.55 14.26
N LYS A 1353 35.26 -6.08 14.43
CA LYS A 1353 36.24 -6.07 13.36
C LYS A 1353 35.79 -6.92 12.18
N GLU A 1354 35.16 -8.06 12.45
CA GLU A 1354 34.63 -8.87 11.35
C GLU A 1354 33.60 -8.09 10.56
N ILE A 1355 32.66 -7.45 11.25
CA ILE A 1355 31.62 -6.68 10.56
C ILE A 1355 32.24 -5.52 9.78
N THR A 1356 33.22 -4.84 10.39
CA THR A 1356 33.85 -3.71 9.74
C THR A 1356 34.63 -4.12 8.51
N ASP A 1357 35.36 -5.24 8.59
CA ASP A 1357 36.11 -5.75 7.45
C ASP A 1357 35.20 -6.34 6.39
N LYS A 1358 33.95 -6.65 6.73
CA LYS A 1358 32.98 -6.97 5.70
C LYS A 1358 32.76 -5.79 4.76
N GLY A 1359 33.12 -4.58 5.19
CA GLY A 1359 33.13 -3.43 4.30
C GLY A 1359 31.78 -2.78 4.15
N LEU A 1360 31.77 -1.76 3.28
CA LEU A 1360 30.53 -1.03 3.01
C LEU A 1360 29.43 -1.96 2.53
N ASP A 1361 29.79 -3.06 1.85
CA ASP A 1361 28.82 -4.03 1.36
C ASP A 1361 28.54 -5.03 2.47
N ALA A 1362 27.66 -4.62 3.39
CA ALA A 1362 27.26 -5.45 4.52
C ALA A 1362 25.75 -5.43 4.65
N SER A 1363 25.20 -6.52 5.18
CA SER A 1363 23.76 -6.66 5.29
C SER A 1363 23.20 -5.76 6.37
N VAL A 1364 21.91 -5.47 6.26
CA VAL A 1364 21.23 -4.67 7.29
C VAL A 1364 21.35 -5.34 8.65
N LYS A 1365 21.18 -6.66 8.69
CA LYS A 1365 21.35 -7.39 9.94
C LYS A 1365 22.75 -7.18 10.50
N GLU A 1366 23.76 -7.19 9.63
CA GLU A 1366 25.13 -6.98 10.09
C GLU A 1366 25.33 -5.57 10.65
N LYS A 1367 24.71 -4.56 10.02
CA LYS A 1367 24.85 -3.21 10.54
C LYS A 1367 24.16 -3.04 11.89
N ASN A 1368 22.97 -3.64 12.06
CA ASN A 1368 22.32 -3.60 13.36
C ASN A 1368 23.16 -4.32 14.40
N GLN A 1369 23.75 -5.45 14.03
CA GLN A 1369 24.64 -6.16 14.94
C GLN A 1369 25.84 -5.30 15.31
N LEU A 1370 26.37 -4.55 14.35
CA LEU A 1370 27.49 -3.67 14.63
C LEU A 1370 27.11 -2.58 15.62
N THR A 1371 25.91 -2.02 15.46
CA THR A 1371 25.45 -1.01 16.42
C THR A 1371 25.35 -1.58 17.83
N VAL A 1372 24.68 -2.72 17.96
CA VAL A 1372 24.54 -3.34 19.28
C VAL A 1372 25.90 -3.70 19.84
N LEU A 1373 26.82 -4.15 18.98
CA LEU A 1373 28.15 -4.54 19.44
C LEU A 1373 28.96 -3.33 19.88
N GLU A 1374 28.81 -2.20 19.19
CA GLU A 1374 29.47 -0.97 19.63
C GLU A 1374 28.99 -0.59 21.01
N LEU A 1375 27.67 -0.63 21.23
CA LEU A 1375 27.15 -0.32 22.56
C LEU A 1375 27.68 -1.30 23.60
N ALA A 1376 27.72 -2.58 23.27
CA ALA A 1376 28.20 -3.58 24.21
C ALA A 1376 29.67 -3.37 24.55
N ASN A 1377 30.48 -3.01 23.54
CA ASN A 1377 31.88 -2.72 23.78
C ASN A 1377 32.04 -1.52 24.70
N GLU A 1378 31.25 -0.47 24.45
CA GLU A 1378 31.33 0.71 25.33
C GLU A 1378 30.94 0.35 26.75
N MET A 1379 29.89 -0.45 26.92
CA MET A 1379 29.46 -0.84 28.26
C MET A 1379 30.53 -1.69 28.94
N LEU A 1380 31.19 -2.58 28.18
CA LEU A 1380 32.25 -3.40 28.76
C LEU A 1380 33.45 -2.57 29.17
N GLU A 1381 33.82 -1.58 28.35
CA GLU A 1381 34.96 -0.72 28.67
C GLU A 1381 34.76 0.00 29.99
N ARG A 1382 33.51 0.21 30.39
CA ARG A 1382 33.20 1.00 31.58
C ARG A 1382 33.05 0.15 32.84
N GLY A 1383 33.33 -1.15 32.76
CA GLY A 1383 33.33 -2.00 33.92
C GLY A 1383 32.13 -2.90 34.08
N PHE A 1384 31.06 -2.67 33.33
CA PHE A 1384 29.91 -3.54 33.35
C PHE A 1384 30.08 -4.69 32.37
N LYS A 1385 29.34 -5.76 32.60
CA LYS A 1385 29.48 -6.96 31.79
C LYS A 1385 28.12 -7.63 31.62
N PHE A 1386 28.02 -8.42 30.56
CA PHE A 1386 26.82 -9.19 30.28
C PHE A 1386 26.95 -10.59 30.84
N GLY A 1387 25.81 -11.23 31.06
CA GLY A 1387 25.76 -12.59 31.51
C GLY A 1387 24.83 -13.41 30.63
N MET A 1388 25.19 -14.68 30.46
CA MET A 1388 24.36 -15.57 29.67
C MET A 1388 22.97 -15.69 30.29
N ILE A 1389 22.02 -16.06 29.46
CA ILE A 1389 20.62 -16.17 29.92
C ILE A 1389 20.54 -17.17 31.05
N ASP A 1390 19.69 -16.92 32.04
CA ASP A 1390 19.40 -17.86 33.09
C ASP A 1390 17.91 -18.18 33.07
N LEU A 1391 17.58 -19.45 33.24
CA LEU A 1391 16.16 -19.85 33.09
C LEU A 1391 15.32 -19.15 34.15
N TYR A 1392 15.81 -19.09 35.37
CA TYR A 1392 15.04 -18.49 36.45
C TYR A 1392 15.17 -16.98 36.50
N LYS A 1393 16.39 -16.46 36.40
CA LYS A 1393 16.61 -15.03 36.55
C LYS A 1393 16.12 -14.26 35.33
N SER A 1394 16.44 -14.73 34.13
CA SER A 1394 16.22 -13.94 32.92
C SER A 1394 14.74 -13.64 32.72
N ASP A 1395 14.48 -12.46 32.18
CA ASP A 1395 13.14 -12.05 31.80
C ASP A 1395 12.84 -12.54 30.38
N ALA A 1396 11.60 -12.32 29.94
CA ALA A 1396 11.23 -12.70 28.58
C ALA A 1396 11.85 -11.77 27.55
N VAL A 1397 11.79 -10.46 27.79
CA VAL A 1397 12.26 -9.49 26.80
C VAL A 1397 13.23 -8.46 27.37
N ASN A 1398 13.30 -8.26 28.68
CA ASN A 1398 14.11 -7.19 29.27
C ASN A 1398 15.37 -7.77 29.88
N PHE A 1399 16.48 -7.04 29.71
CA PHE A 1399 17.70 -7.36 30.44
C PHE A 1399 17.48 -7.09 31.92
N VAL A 1400 18.05 -7.92 32.76
CA VAL A 1400 17.95 -7.75 34.20
C VAL A 1400 19.23 -7.12 34.70
N ILE A 1401 19.13 -6.32 35.76
CA ILE A 1401 20.30 -5.72 36.40
C ILE A 1401 20.60 -6.50 37.66
N GLU A 1402 21.81 -7.03 37.77
CA GLU A 1402 22.28 -7.69 38.97
C GLU A 1402 23.70 -7.20 39.25
N GLY A 1403 23.86 -6.46 40.35
CA GLY A 1403 25.14 -5.80 40.57
C GLY A 1403 25.44 -4.87 39.42
N ASP A 1404 26.64 -4.99 38.86
CA ASP A 1404 27.01 -4.26 37.64
C ASP A 1404 27.00 -5.17 36.42
N THR A 1405 26.09 -6.14 36.38
CA THR A 1405 25.98 -7.09 35.30
C THR A 1405 24.56 -7.05 34.72
N LEU A 1406 24.48 -7.25 33.41
CA LEU A 1406 23.22 -7.31 32.69
C LEU A 1406 22.95 -8.76 32.31
N ILE A 1407 21.91 -9.34 32.89
CA ILE A 1407 21.48 -10.69 32.57
C ILE A 1407 20.62 -10.63 31.31
N ALA A 1408 21.04 -11.33 30.26
CA ALA A 1408 20.38 -11.22 28.97
C ALA A 1408 19.05 -11.95 29.00
N PRO A 1409 18.05 -11.46 28.27
CA PRO A 1409 16.75 -12.12 28.23
C PRO A 1409 16.77 -13.34 27.31
N PHE A 1410 15.67 -14.10 27.36
CA PHE A 1410 15.56 -15.27 26.51
C PHE A 1410 15.54 -14.88 25.04
N ARG A 1411 14.85 -13.79 24.70
CA ARG A 1411 14.79 -13.36 23.31
C ARG A 1411 16.18 -13.06 22.74
N ALA A 1412 17.18 -12.96 23.58
CA ALA A 1412 18.51 -12.74 22.97
C ALA A 1412 18.98 -14.04 22.32
N VAL A 1413 18.83 -15.17 23.01
CA VAL A 1413 19.32 -16.47 22.47
C VAL A 1413 18.98 -16.51 20.99
N PRO A 1414 19.93 -16.84 20.09
CA PRO A 1414 19.70 -16.85 18.65
C PRO A 1414 18.22 -16.89 18.24
N SER A 1415 17.60 -18.08 18.22
CA SER A 1415 16.19 -18.10 17.72
C SER A 1415 15.19 -18.50 18.82
N LEU A 1416 15.48 -18.23 20.10
CA LEU A 1416 14.63 -18.70 21.24
C LEU A 1416 13.20 -18.22 21.10
N GLY A 1417 12.92 -17.38 20.11
CA GLY A 1417 11.53 -16.98 19.85
C GLY A 1417 10.97 -16.16 21.00
N THR A 1418 9.77 -15.58 20.82
CA THR A 1418 9.21 -14.69 21.87
C THR A 1418 8.05 -15.38 22.58
N ASN A 1419 7.18 -16.07 21.82
CA ASN A 1419 6.02 -16.76 22.42
C ASN A 1419 6.57 -17.85 23.33
N VAL A 1420 7.51 -18.66 22.81
CA VAL A 1420 8.16 -19.73 23.64
C VAL A 1420 8.98 -19.05 24.74
N ALA A 1421 9.44 -17.82 24.51
CA ALA A 1421 10.16 -17.07 25.57
C ALA A 1421 9.21 -16.88 26.75
N LYS A 1422 8.04 -16.27 26.51
CA LYS A 1422 7.05 -16.08 27.60
C LYS A 1422 6.69 -17.44 28.17
N GLN A 1423 6.66 -18.47 27.31
CA GLN A 1423 6.35 -19.85 27.76
C GLN A 1423 7.33 -20.21 28.88
N ILE A 1424 8.64 -20.10 28.62
CA ILE A 1424 9.57 -20.56 29.70
C ILE A 1424 9.34 -19.70 30.93
N VAL A 1425 8.90 -18.45 30.75
CA VAL A 1425 8.56 -17.62 31.91
C VAL A 1425 7.33 -18.19 32.61
N GLU A 1426 6.30 -18.56 31.85
CA GLU A 1426 5.11 -19.14 32.46
C GLU A 1426 5.42 -20.44 33.17
N ALA A 1427 6.26 -21.29 32.57
CA ALA A 1427 6.58 -22.57 33.17
C ALA A 1427 7.36 -22.40 34.47
N ARG A 1428 8.30 -21.47 34.51
CA ARG A 1428 9.18 -21.37 35.68
C ARG A 1428 8.44 -20.98 36.94
N LYS A 1429 7.20 -20.49 36.83
CA LYS A 1429 6.42 -20.21 38.02
C LYS A 1429 5.66 -21.45 38.50
N ASP A 1430 5.33 -22.36 37.58
CA ASP A 1430 4.73 -23.63 37.99
C ASP A 1430 5.70 -24.45 38.84
N GLY A 1431 6.93 -24.59 38.37
CA GLY A 1431 7.93 -25.34 39.09
C GLY A 1431 9.27 -25.30 38.37
N PRO A 1432 10.32 -25.81 39.01
CA PRO A 1432 11.63 -25.84 38.36
C PRO A 1432 11.61 -26.63 37.07
N PHE A 1433 12.71 -26.55 36.33
CA PHE A 1433 12.91 -27.29 35.10
C PHE A 1433 13.85 -28.46 35.40
N LEU A 1434 13.25 -29.59 35.75
CA LEU A 1434 14.03 -30.75 36.14
C LEU A 1434 14.19 -31.72 34.98
N SER A 1435 15.34 -32.39 34.97
CA SER A 1435 15.73 -33.43 34.02
C SER A 1435 16.23 -32.87 32.68
N LYS A 1436 16.17 -31.55 32.47
CA LYS A 1436 16.63 -30.95 31.22
C LYS A 1436 15.72 -31.35 30.07
N GLU A 1437 14.83 -32.30 30.33
CA GLU A 1437 13.89 -32.73 29.27
C GLU A 1437 12.59 -32.01 29.57
N ASP A 1438 12.36 -31.79 30.86
CA ASP A 1438 11.11 -31.12 31.28
C ASP A 1438 11.08 -29.75 30.62
N LEU A 1439 12.24 -29.13 30.50
CA LEU A 1439 12.27 -27.75 29.97
C LEU A 1439 11.71 -27.78 28.56
N ALA A 1440 12.31 -28.62 27.73
CA ALA A 1440 11.90 -28.60 26.31
C ALA A 1440 10.43 -28.96 26.28
N THR A 1441 10.04 -29.89 27.15
CA THR A 1441 8.64 -30.39 27.11
C THR A 1441 7.63 -29.29 27.40
N ARG A 1442 7.80 -28.55 28.48
CA ARG A 1442 6.73 -27.57 28.83
C ARG A 1442 6.92 -26.33 27.98
N GLY A 1443 8.10 -25.75 28.06
CA GLY A 1443 8.43 -24.52 27.33
C GLY A 1443 8.24 -24.62 25.84
N LYS A 1444 8.27 -25.83 25.29
CA LYS A 1444 8.22 -25.95 23.82
C LYS A 1444 9.57 -25.49 23.26
N VAL A 1445 10.63 -25.72 24.03
CA VAL A 1445 12.00 -25.35 23.54
C VAL A 1445 12.41 -26.33 22.44
N SER A 1446 12.76 -25.82 21.25
CA SER A 1446 13.23 -26.70 20.15
C SER A 1446 14.60 -27.28 20.50
N LYS A 1447 14.79 -28.57 20.27
CA LYS A 1447 16.07 -29.21 20.68
C LYS A 1447 17.21 -28.25 20.36
N THR A 1448 17.25 -27.73 19.14
CA THR A 1448 18.38 -26.89 18.77
C THR A 1448 18.68 -25.86 19.85
N LEU A 1449 17.64 -25.14 20.24
CA LEU A 1449 17.90 -24.08 21.23
C LEU A 1449 18.42 -24.79 22.45
N ILE A 1450 17.86 -25.95 22.77
CA ILE A 1450 18.30 -26.60 24.03
C ILE A 1450 19.80 -26.79 23.87
N GLU A 1451 20.22 -27.11 22.65
CA GLU A 1451 21.66 -27.37 22.44
C GLU A 1451 22.42 -26.08 22.71
N TYR A 1452 21.91 -24.95 22.22
CA TYR A 1452 22.66 -23.67 22.36
C TYR A 1452 22.82 -23.40 23.85
N MET A 1453 21.75 -23.58 24.59
CA MET A 1453 21.83 -23.39 26.05
C MET A 1453 22.79 -24.43 26.60
N ASN A 1454 22.72 -25.65 26.08
CA ASN A 1454 23.53 -26.72 26.68
C ASN A 1454 24.99 -26.31 26.62
N ASP A 1455 25.43 -25.86 25.46
CA ASP A 1455 26.87 -25.55 25.32
C ASP A 1455 27.22 -24.27 26.06
N ASN A 1456 26.34 -23.27 26.05
CA ASN A 1456 26.70 -21.94 26.61
C ASN A 1456 26.58 -21.91 28.14
N GLY A 1457 26.22 -23.02 28.79
CA GLY A 1457 26.20 -23.06 30.26
C GLY A 1457 24.82 -22.83 30.87
N VAL A 1458 23.82 -22.47 30.08
CA VAL A 1458 22.49 -22.11 30.64
C VAL A 1458 21.89 -23.30 31.35
N LEU A 1459 21.85 -24.45 30.69
CA LEU A 1459 21.16 -25.62 31.30
C LEU A 1459 22.15 -26.38 32.16
N LYS A 1460 23.39 -25.94 32.19
CA LYS A 1460 24.39 -26.74 32.93
C LYS A 1460 23.87 -26.92 34.34
N ASP A 1461 23.38 -25.84 34.92
CA ASP A 1461 22.79 -25.93 36.27
C ASP A 1461 22.03 -27.24 36.35
N LEU A 1462 21.17 -27.49 35.36
CA LEU A 1462 20.34 -28.69 35.46
C LEU A 1462 21.20 -29.87 35.90
N PRO A 1463 20.86 -30.56 36.99
CA PRO A 1463 21.71 -31.67 37.45
C PRO A 1463 21.40 -33.00 36.77
N ASP A 1464 20.37 -33.07 35.94
CA ASP A 1464 19.96 -34.32 35.30
C ASP A 1464 21.15 -35.01 34.61
C02 A1I88 E . 9.63 15.40 5.63
C03 A1I88 E . 9.63 13.94 6.04
C05 A1I88 E . 11.40 13.48 7.77
C06 A1I88 E . 12.62 13.15 7.09
C08 A1I88 E . 13.71 12.89 9.25
C10 A1I88 E . 14.84 12.42 11.45
C11 A1I88 E . 15.03 13.75 12.18
C12 A1I88 E . 15.30 13.74 13.70
C13 A1I88 E . 15.47 14.87 14.36
C14 A1I88 E . 15.41 16.19 13.62
C16 A1I88 E . 15.31 18.35 12.75
C20 A1I88 E . 15.16 16.21 12.29
C21 A1I88 E . 14.96 14.90 11.54
C24 A1I88 E . 11.38 13.52 9.19
C25 A1I88 E . 10.04 13.89 9.50
F17 A1I88 E . 16.37 19.10 12.38
F18 A1I88 E . 14.17 19.10 12.80
F26 A1I88 E . 9.58 14.04 10.79
N04 A1I88 E . 10.08 13.84 7.41
N07 A1I88 E . 13.75 12.86 7.81
N09 A1I88 E . 14.91 12.58 10.02
N22 A1I88 E . 12.52 13.22 9.92
N27 A1I88 E . 9.26 14.09 8.46
O01 A1I88 E . 10.58 15.61 4.63
O15 A1I88 E . 15.54 17.72 14.00
O19 A1I88 E . 15.17 17.41 12.00
O23 A1I88 E . 12.66 13.10 5.70
H022 A1I88 E . 9.87 16.03 6.49
H021 A1I88 E . 8.65 15.67 5.25
H031 A1I88 E . 8.63 13.54 5.95
H032 A1I88 E . 10.31 13.39 5.40
H102 A1I88 E . 13.87 12.00 11.73
H101 A1I88 E . 15.62 11.74 11.77
H121 A1I88 E . 15.35 12.80 14.23
H131 A1I88 E . 15.66 14.86 15.42
H211 A1I88 E . 14.77 14.92 10.47
H071 A1I88 E . 14.59 12.62 7.35
H091 A1I88 E . 15.78 12.49 9.55
H011 A1I88 E . 11.42 15.30 4.92
ZN ZN F . -12.37 -5.53 -17.18
ZN ZN G . -8.51 -7.13 -15.63
ZN ZN H . -13.69 -8.07 -16.51
ZN ZN I . 11.41 33.81 43.32
MG MG J . -20.90 -34.43 -14.95
MG MG K . 0.21 14.96 10.89
#